data_7AA9
#
_entry.id   7AA9
#
_cell.length_a   90.944
_cell.length_b   90.944
_cell.length_c   92.407
_cell.angle_alpha   90.000
_cell.angle_beta   90.000
_cell.angle_gamma   120.000
#
_symmetry.space_group_name_H-M   'P 32'
#
loop_
_entity.id
_entity.type
_entity.pdbx_description
1 polymer 'Gamma-aminobutyric acid receptor-associated protein-like 1'
2 polymer 'pT13/PT15 SCOC LIR'
3 water water
#
loop_
_entity_poly.entity_id
_entity_poly.type
_entity_poly.pdbx_seq_one_letter_code
_entity_poly.pdbx_strand_id
1 'polypeptide(L)'
;GPTMGSMKFQYKEDHPFEYRKKEGEKIRKKYPDRVPVIVEKAPKARVPDLDKRKYLVPSDLTVGQFYFLIRKRIHLRPED
ALFFFVNNTIPPTSATMGQLYEDNHEEDYFLYVAYSDESVYGK
;
A,C,E,G,I,K
2 'polypeptide(L)' EDS(TPO)F(TPO)NISLAD B,D,F,H,J,L
#
# COMPACT_ATOMS: atom_id res chain seq x y z
N MET A 7 27.34 -12.65 19.22
CA MET A 7 26.09 -12.45 18.49
C MET A 7 26.14 -13.11 17.12
N LYS A 8 25.07 -13.82 16.77
CA LYS A 8 24.94 -14.50 15.50
C LYS A 8 23.56 -14.23 14.91
N PHE A 9 23.52 -14.05 13.59
CA PHE A 9 22.27 -13.79 12.89
C PHE A 9 22.20 -14.65 11.63
N GLN A 10 21.02 -15.21 11.38
CA GLN A 10 20.83 -16.02 10.17
C GLN A 10 20.83 -15.17 8.90
N TYR A 11 20.56 -13.87 9.01
CA TYR A 11 20.62 -13.01 7.83
C TYR A 11 22.04 -12.89 7.30
N LYS A 12 23.04 -12.94 8.19
CA LYS A 12 24.43 -12.92 7.74
C LYS A 12 24.86 -14.28 7.19
N GLU A 13 24.28 -15.37 7.69
CA GLU A 13 24.60 -16.68 7.15
C GLU A 13 24.02 -16.86 5.75
N ASP A 14 22.95 -16.15 5.43
CA ASP A 14 22.31 -16.27 4.12
C ASP A 14 22.88 -15.29 3.10
N HIS A 15 23.41 -14.16 3.54
CA HIS A 15 23.90 -13.12 2.63
C HIS A 15 25.26 -12.61 3.08
N PRO A 16 26.25 -12.60 2.20
CA PRO A 16 27.55 -12.03 2.56
C PRO A 16 27.46 -10.52 2.71
N PHE A 17 28.54 -9.93 3.24
CA PHE A 17 28.52 -8.51 3.57
C PHE A 17 28.28 -7.65 2.33
N GLU A 18 28.93 -7.97 1.22
CA GLU A 18 28.78 -7.16 0.01
C GLU A 18 27.34 -7.12 -0.47
N TYR A 19 26.58 -8.19 -0.23
CA TYR A 19 25.16 -8.19 -0.57
C TYR A 19 24.36 -7.34 0.42
N ARG A 20 24.66 -7.49 1.72
CA ARG A 20 23.91 -6.75 2.73
C ARG A 20 24.16 -5.25 2.62
N LYS A 21 25.39 -4.85 2.27
CA LYS A 21 25.71 -3.44 2.20
C LYS A 21 24.97 -2.76 1.05
N LYS A 22 24.88 -3.41 -0.10
CA LYS A 22 24.17 -2.82 -1.23
C LYS A 22 22.70 -2.63 -0.93
N GLU A 23 22.09 -3.61 -0.25
CA GLU A 23 20.66 -3.51 0.06
C GLU A 23 20.40 -2.47 1.15
N GLY A 24 21.25 -2.42 2.17
CA GLY A 24 21.08 -1.42 3.21
C GLY A 24 21.42 -0.03 2.75
N GLU A 25 22.34 0.11 1.80
CA GLU A 25 22.71 1.42 1.30
C GLU A 25 21.61 2.00 0.40
N LYS A 26 20.97 1.15 -0.39
CA LYS A 26 19.91 1.62 -1.28
C LYS A 26 18.65 1.96 -0.52
N ILE A 27 18.32 1.18 0.51
CA ILE A 27 17.08 1.42 1.25
C ILE A 27 17.21 2.66 2.14
N ARG A 28 18.44 3.01 2.55
CA ARG A 28 18.64 4.22 3.34
C ARG A 28 18.58 5.48 2.48
N LYS A 29 19.06 5.41 1.24
CA LYS A 29 18.96 6.55 0.35
C LYS A 29 17.52 6.74 -0.14
N LYS A 30 16.76 5.66 -0.26
CA LYS A 30 15.38 5.77 -0.71
C LYS A 30 14.46 6.27 0.40
N TYR A 31 14.69 5.83 1.64
CA TYR A 31 13.91 6.26 2.80
C TYR A 31 14.85 6.83 3.84
N PRO A 32 15.24 8.11 3.71
CA PRO A 32 16.12 8.71 4.71
C PRO A 32 15.48 8.88 6.07
N ASP A 33 14.15 8.86 6.16
CA ASP A 33 13.44 8.99 7.42
CA ASP A 33 13.44 8.99 7.42
C ASP A 33 13.05 7.65 8.02
N ARG A 34 13.58 6.54 7.48
CA ARG A 34 13.32 5.21 7.99
C ARG A 34 14.64 4.47 8.13
N VAL A 35 14.63 3.41 8.92
CA VAL A 35 15.85 2.63 9.18
C VAL A 35 15.59 1.15 8.95
N PRO A 36 16.49 0.45 8.25
CA PRO A 36 16.32 -1.01 8.09
C PRO A 36 16.85 -1.75 9.31
N VAL A 37 16.06 -2.70 9.80
CA VAL A 37 16.38 -3.42 11.02
C VAL A 37 16.24 -4.91 10.78
N ILE A 38 17.24 -5.67 11.20
CA ILE A 38 17.19 -7.14 11.18
C ILE A 38 16.82 -7.60 12.59
N VAL A 39 15.70 -8.33 12.69
CA VAL A 39 15.19 -8.81 13.97
C VAL A 39 15.16 -10.33 13.93
N GLU A 40 15.91 -10.96 14.83
CA GLU A 40 15.96 -12.41 14.93
C GLU A 40 15.94 -12.82 16.39
N LYS A 41 15.58 -14.08 16.62
CA LYS A 41 15.52 -14.62 17.97
C LYS A 41 16.92 -15.03 18.45
N ALA A 42 17.19 -14.75 19.72
CA ALA A 42 18.43 -15.21 20.33
C ALA A 42 18.46 -16.75 20.32
N PRO A 43 19.66 -17.35 20.26
CA PRO A 43 19.74 -18.82 20.10
C PRO A 43 19.03 -19.60 21.19
N LYS A 44 19.40 -19.36 22.46
CA LYS A 44 18.82 -20.09 23.58
C LYS A 44 17.50 -19.49 24.05
N ALA A 45 16.90 -18.57 23.28
CA ALA A 45 15.66 -17.95 23.70
C ALA A 45 14.49 -18.92 23.57
N ARG A 46 13.62 -18.92 24.57
CA ARG A 46 12.41 -19.73 24.56
C ARG A 46 11.20 -18.86 24.24
N VAL A 47 11.27 -18.29 23.03
CA VAL A 47 10.27 -17.36 22.50
C VAL A 47 9.85 -17.87 21.13
N PRO A 48 8.59 -17.70 20.73
CA PRO A 48 8.21 -18.05 19.35
C PRO A 48 9.00 -17.28 18.31
N ASP A 49 9.08 -17.86 17.13
CA ASP A 49 9.84 -17.29 16.03
C ASP A 49 9.00 -16.27 15.25
N LEU A 50 9.68 -15.43 14.49
CA LEU A 50 9.05 -14.46 13.60
C LEU A 50 9.05 -14.98 12.18
N ASP A 51 7.96 -14.72 11.45
CA ASP A 51 7.91 -15.10 10.05
C ASP A 51 8.83 -14.24 9.19
N LYS A 52 9.06 -13.00 9.60
CA LYS A 52 9.89 -12.07 8.84
C LYS A 52 10.98 -11.50 9.74
N ARG A 53 12.13 -11.17 9.13
CA ARG A 53 13.28 -10.67 9.86
C ARG A 53 13.77 -9.31 9.39
N LYS A 54 13.40 -8.87 8.18
CA LYS A 54 13.80 -7.58 7.66
C LYS A 54 12.65 -6.59 7.84
N TYR A 55 12.91 -5.51 8.57
CA TYR A 55 11.88 -4.53 8.91
C TYR A 55 12.33 -3.14 8.51
N LEU A 56 11.39 -2.35 7.97
CA LEU A 56 11.60 -0.95 7.65
C LEU A 56 10.82 -0.13 8.66
N VAL A 57 11.55 0.57 9.53
CA VAL A 57 10.99 1.18 10.74
C VAL A 57 11.08 2.69 10.61
N PRO A 58 10.02 3.44 10.92
CA PRO A 58 10.15 4.90 10.97
C PRO A 58 11.17 5.33 12.00
N SER A 59 12.00 6.30 11.63
CA SER A 59 13.09 6.73 12.50
CA SER A 59 13.09 6.72 12.50
C SER A 59 12.58 7.35 13.79
N ASP A 60 11.40 7.93 13.77
CA ASP A 60 10.84 8.59 14.95
C ASP A 60 10.09 7.64 15.86
N LEU A 61 9.93 6.37 15.47
CA LEU A 61 9.36 5.38 16.37
C LEU A 61 10.31 5.13 17.53
N THR A 62 9.79 5.12 18.75
CA THR A 62 10.64 4.86 19.90
C THR A 62 10.94 3.37 20.03
N VAL A 63 12.00 3.05 20.77
CA VAL A 63 12.36 1.66 21.01
C VAL A 63 11.25 0.94 21.77
N GLY A 64 10.64 1.62 22.74
CA GLY A 64 9.54 1.02 23.46
C GLY A 64 8.36 0.70 22.58
N GLN A 65 8.05 1.59 21.63
CA GLN A 65 6.98 1.30 20.68
C GLN A 65 7.38 0.16 19.74
N PHE A 66 8.64 0.11 19.33
CA PHE A 66 9.11 -1.00 18.53
C PHE A 66 9.06 -2.32 19.30
N TYR A 67 9.29 -2.25 20.62
CA TYR A 67 9.15 -3.43 21.46
C TYR A 67 7.73 -3.98 21.41
N PHE A 68 6.74 -3.09 21.55
CA PHE A 68 5.35 -3.53 21.60
C PHE A 68 4.88 -4.06 20.24
N LEU A 69 5.38 -3.48 19.15
CA LEU A 69 4.94 -3.93 17.83
C LEU A 69 5.54 -5.30 17.49
N ILE A 70 6.79 -5.54 17.88
CA ILE A 70 7.38 -6.85 17.66
C ILE A 70 6.74 -7.89 18.56
N ARG A 71 6.45 -7.53 19.81
CA ARG A 71 5.84 -8.46 20.73
C ARG A 71 4.47 -8.92 20.23
N LYS A 72 3.72 -8.02 19.60
CA LYS A 72 2.42 -8.41 19.04
C LYS A 72 2.58 -9.31 17.83
N ARG A 73 3.64 -9.12 17.03
CA ARG A 73 3.88 -10.01 15.89
C ARG A 73 4.27 -11.40 16.35
N ILE A 74 5.07 -11.49 17.41
CA ILE A 74 5.43 -12.79 17.99
C ILE A 74 4.23 -13.43 18.69
N HIS A 75 3.24 -12.63 19.08
CA HIS A 75 2.07 -13.10 19.82
CA HIS A 75 2.07 -13.11 19.81
C HIS A 75 2.49 -13.86 21.08
N LEU A 76 2.83 -13.11 22.13
CA LEU A 76 3.23 -13.69 23.40
C LEU A 76 2.06 -13.70 24.38
N ARG A 77 2.10 -14.66 25.29
CA ARG A 77 1.15 -14.64 26.40
C ARG A 77 1.50 -13.47 27.33
N PRO A 78 0.51 -12.93 28.04
CA PRO A 78 0.78 -11.75 28.89
C PRO A 78 1.87 -11.99 29.93
N GLU A 79 2.04 -13.22 30.40
CA GLU A 79 3.06 -13.51 31.40
C GLU A 79 4.45 -13.73 30.80
N ASP A 80 4.57 -13.75 29.47
CA ASP A 80 5.85 -14.01 28.82
C ASP A 80 6.73 -12.76 28.89
N ALA A 81 7.99 -12.95 29.29
CA ALA A 81 8.96 -11.88 29.32
C ALA A 81 9.64 -11.76 27.95
N LEU A 82 10.08 -10.54 27.64
CA LEU A 82 10.71 -10.26 26.35
C LEU A 82 11.69 -9.12 26.50
N PHE A 83 12.92 -9.32 26.01
CA PHE A 83 13.96 -8.31 26.05
C PHE A 83 14.63 -8.22 24.69
N PHE A 84 15.09 -7.01 24.36
CA PHE A 84 15.78 -6.79 23.11
CA PHE A 84 15.77 -6.70 23.11
C PHE A 84 17.25 -6.48 23.36
N PHE A 85 18.08 -6.80 22.37
CA PHE A 85 19.52 -6.65 22.50
C PHE A 85 20.09 -6.06 21.22
N VAL A 86 20.88 -5.00 21.37
CA VAL A 86 21.64 -4.40 20.27
C VAL A 86 23.08 -4.31 20.74
N ASN A 87 23.98 -5.02 20.06
CA ASN A 87 25.39 -5.09 20.45
C ASN A 87 25.53 -5.56 21.90
N ASN A 88 24.80 -6.63 22.23
CA ASN A 88 24.82 -7.27 23.54
C ASN A 88 24.34 -6.36 24.67
N THR A 89 23.56 -5.33 24.35
CA THR A 89 23.07 -4.39 25.34
C THR A 89 21.59 -4.11 25.09
N ILE A 90 20.83 -4.04 26.17
CA ILE A 90 19.41 -3.70 26.09
C ILE A 90 19.30 -2.22 25.73
N PRO A 91 18.65 -1.87 24.62
CA PRO A 91 18.62 -0.47 24.17
C PRO A 91 17.74 0.37 25.07
N PRO A 92 17.94 1.69 25.06
CA PRO A 92 17.10 2.57 25.89
C PRO A 92 15.68 2.65 25.35
N THR A 93 14.72 2.75 26.27
CA THR A 93 13.31 2.74 25.90
C THR A 93 12.90 4.03 25.21
N SER A 94 13.29 5.18 25.76
CA SER A 94 12.85 6.46 25.24
CA SER A 94 12.86 6.47 25.24
C SER A 94 13.58 6.89 23.97
N ALA A 95 14.63 6.18 23.58
CA ALA A 95 15.35 6.54 22.35
C ALA A 95 14.52 6.20 21.13
N THR A 96 14.68 6.99 20.08
CA THR A 96 14.03 6.68 18.82
C THR A 96 14.83 5.66 18.03
N MET A 97 14.15 4.95 17.13
CA MET A 97 14.84 3.95 16.32
C MET A 97 15.88 4.59 15.40
N GLY A 98 15.63 5.81 14.95
CA GLY A 98 16.66 6.52 14.19
C GLY A 98 17.86 6.87 15.05
N GLN A 99 17.62 7.24 16.31
CA GLN A 99 18.71 7.51 17.23
CA GLN A 99 18.73 7.52 17.22
C GLN A 99 19.50 6.25 17.55
N LEU A 100 18.80 5.14 17.76
CA LEU A 100 19.47 3.86 18.01
C LEU A 100 20.22 3.38 16.78
N TYR A 101 19.66 3.63 15.59
CA TYR A 101 20.33 3.25 14.35
C TYR A 101 21.62 4.02 14.16
N GLU A 102 21.60 5.33 14.42
CA GLU A 102 22.79 6.15 14.21
C GLU A 102 23.93 5.72 15.13
N ASP A 103 23.62 5.21 16.32
CA ASP A 103 24.65 4.82 17.28
C ASP A 103 25.07 3.38 17.15
N ASN A 104 24.33 2.54 16.42
CA ASN A 104 24.58 1.10 16.46
C ASN A 104 24.53 0.41 15.11
N HIS A 105 24.28 1.11 14.01
CA HIS A 105 24.22 0.44 12.72
C HIS A 105 25.58 -0.08 12.31
N GLU A 106 25.59 -1.24 11.67
CA GLU A 106 26.81 -1.86 11.18
C GLU A 106 27.17 -1.27 9.80
N GLU A 107 28.33 -1.67 9.28
CA GLU A 107 28.82 -1.11 8.03
C GLU A 107 27.98 -1.51 6.82
N ASP A 108 27.05 -2.44 6.98
CA ASP A 108 26.10 -2.78 5.92
C ASP A 108 24.83 -1.94 5.99
N TYR A 109 24.84 -0.87 6.79
CA TYR A 109 23.73 0.06 6.95
C TYR A 109 22.50 -0.60 7.58
N PHE A 110 22.68 -1.74 8.25
CA PHE A 110 21.60 -2.42 8.93
C PHE A 110 21.76 -2.29 10.44
N LEU A 111 20.63 -2.18 11.13
CA LEU A 111 20.59 -2.29 12.59
C LEU A 111 20.17 -3.71 12.94
N TYR A 112 20.94 -4.36 13.81
CA TYR A 112 20.72 -5.75 14.18
C TYR A 112 20.16 -5.80 15.60
N VAL A 113 18.98 -6.41 15.74
CA VAL A 113 18.30 -6.50 17.03
C VAL A 113 17.94 -7.97 17.27
N ALA A 114 18.29 -8.48 18.44
CA ALA A 114 17.92 -9.82 18.86
C ALA A 114 16.98 -9.74 20.06
N TYR A 115 16.10 -10.73 20.17
CA TYR A 115 15.14 -10.77 21.27
C TYR A 115 15.22 -12.12 21.98
N SER A 116 14.87 -12.10 23.27
CA SER A 116 14.91 -13.30 24.10
C SER A 116 14.02 -13.09 25.31
N ASP A 117 13.69 -14.20 25.98
CA ASP A 117 12.97 -14.11 27.24
C ASP A 117 13.89 -13.81 28.41
N GLU A 118 15.21 -13.97 28.23
CA GLU A 118 16.18 -13.68 29.27
C GLU A 118 16.73 -12.27 29.11
N SER A 119 17.14 -11.68 30.23
CA SER A 119 17.70 -10.34 30.24
C SER A 119 19.17 -10.31 29.85
N VAL A 120 19.83 -11.46 29.75
CA VAL A 120 21.17 -11.57 29.20
C VAL A 120 21.05 -12.17 27.81
N TYR A 121 21.89 -11.71 26.88
CA TYR A 121 21.73 -12.07 25.48
C TYR A 121 21.79 -13.59 25.27
N GLY A 122 22.90 -14.21 25.64
CA GLY A 122 23.11 -15.62 25.42
C GLY A 122 22.55 -16.55 26.48
N LYS A 123 21.80 -16.03 27.46
CA LYS A 123 21.27 -16.86 28.53
C LYS A 123 20.07 -17.68 28.07
N SER B 3 14.69 -11.28 -0.37
CA SER B 3 13.67 -11.00 0.65
C SER B 3 13.20 -9.56 0.58
N PHE B 5 11.34 -6.14 2.52
CA PHE B 5 11.08 -5.46 3.78
C PHE B 5 9.59 -5.39 4.08
N ASN B 7 7.01 -2.98 6.24
CA ASN B 7 6.95 -1.68 6.89
C ASN B 7 6.21 -1.75 8.22
N ILE B 8 6.89 -1.29 9.26
CA ILE B 8 6.35 -1.30 10.62
C ILE B 8 5.63 0.01 10.88
N SER B 9 4.43 -0.07 11.46
CA SER B 9 3.65 1.10 11.79
C SER B 9 2.89 0.85 13.08
N LEU B 10 2.45 1.94 13.71
CA LEU B 10 1.70 1.84 14.96
C LEU B 10 0.28 1.34 14.74
N ALA B 11 -0.25 1.44 13.52
CA ALA B 11 -1.61 1.00 13.24
C ALA B 11 -1.64 0.07 12.03
N SER C 6 -8.74 4.54 -1.23
CA SER C 6 -9.11 4.01 -2.54
C SER C 6 -7.90 3.83 -3.44
N MET C 7 -7.35 4.94 -3.92
CA MET C 7 -6.18 4.92 -4.78
C MET C 7 -4.90 5.01 -3.95
N LYS C 8 -3.90 4.23 -4.36
CA LYS C 8 -2.62 4.14 -3.65
C LYS C 8 -1.49 4.49 -4.62
N PHE C 9 -0.78 5.56 -4.33
CA PHE C 9 0.38 5.98 -5.12
C PHE C 9 1.63 5.79 -4.29
N GLN C 10 2.67 5.21 -4.91
CA GLN C 10 3.90 4.92 -4.17
C GLN C 10 4.65 6.19 -3.81
N TYR C 11 4.59 7.22 -4.66
CA TYR C 11 5.21 8.50 -4.30
C TYR C 11 4.57 9.07 -3.04
N LYS C 12 3.26 8.86 -2.87
CA LYS C 12 2.57 9.35 -1.68
C LYS C 12 2.92 8.51 -0.45
N GLU C 13 3.24 7.23 -0.65
CA GLU C 13 3.59 6.36 0.47
C GLU C 13 5.06 6.48 0.84
N ASP C 14 5.93 6.82 -0.12
CA ASP C 14 7.36 6.87 0.14
C ASP C 14 7.80 8.19 0.76
N HIS C 15 6.98 9.23 0.68
CA HIS C 15 7.38 10.55 1.15
C HIS C 15 6.35 11.14 2.09
N PRO C 16 6.78 11.81 3.16
CA PRO C 16 5.83 12.43 4.08
C PRO C 16 5.12 13.61 3.43
N PHE C 17 4.05 14.05 4.11
CA PHE C 17 3.21 15.11 3.55
C PHE C 17 3.99 16.41 3.39
N GLU C 18 4.71 16.82 4.43
CA GLU C 18 5.44 18.09 4.37
C GLU C 18 6.51 18.07 3.30
N TYR C 19 7.06 16.89 2.98
CA TYR C 19 8.03 16.77 1.92
C TYR C 19 7.37 16.98 0.55
N ARG C 20 6.22 16.34 0.33
CA ARG C 20 5.56 16.45 -0.97
C ARG C 20 5.01 17.84 -1.20
N LYS C 21 4.46 18.47 -0.15
CA LYS C 21 3.92 19.81 -0.31
C LYS C 21 5.01 20.83 -0.62
N LYS C 22 6.18 20.69 0.02
CA LYS C 22 7.28 21.60 -0.26
C LYS C 22 7.73 21.49 -1.72
N GLU C 23 7.77 20.26 -2.24
CA GLU C 23 8.09 20.09 -3.66
C GLU C 23 7.01 20.68 -4.54
N GLY C 24 5.74 20.57 -4.12
CA GLY C 24 4.65 21.07 -4.95
C GLY C 24 4.64 22.58 -5.07
N GLU C 25 4.84 23.29 -3.95
CA GLU C 25 4.84 24.75 -3.99
CA GLU C 25 4.83 24.75 -4.01
C GLU C 25 6.08 25.29 -4.69
N LYS C 26 7.22 24.63 -4.51
CA LYS C 26 8.46 25.12 -5.11
C LYS C 26 8.41 25.03 -6.64
N ILE C 27 7.89 23.93 -7.17
CA ILE C 27 7.87 23.76 -8.61
C ILE C 27 6.73 24.57 -9.25
N ARG C 28 5.67 24.85 -8.49
CA ARG C 28 4.58 25.65 -9.04
C ARG C 28 4.96 27.11 -9.14
N LYS C 29 5.70 27.62 -8.15
CA LYS C 29 6.18 29.01 -8.24
C LYS C 29 7.28 29.15 -9.28
N LYS C 30 8.00 28.07 -9.57
CA LYS C 30 9.08 28.12 -10.54
C LYS C 30 8.53 28.16 -11.97
N TYR C 31 7.58 27.28 -12.27
CA TYR C 31 6.94 27.20 -13.59
C TYR C 31 5.44 27.33 -13.40
N PRO C 32 4.92 28.56 -13.34
CA PRO C 32 3.45 28.74 -13.19
C PRO C 32 2.67 28.30 -14.42
N ASP C 33 3.32 28.15 -15.57
CA ASP C 33 2.67 27.68 -16.78
C ASP C 33 2.74 26.16 -16.92
N ARG C 34 3.20 25.47 -15.89
CA ARG C 34 3.27 24.02 -15.88
C ARG C 34 2.69 23.49 -14.57
N VAL C 35 2.30 22.22 -14.57
CA VAL C 35 1.72 21.59 -13.39
C VAL C 35 2.49 20.32 -13.05
N PRO C 36 2.79 20.08 -11.77
CA PRO C 36 3.45 18.81 -11.40
C PRO C 36 2.44 17.69 -11.30
N VAL C 37 2.75 16.56 -11.96
CA VAL C 37 1.84 15.43 -12.05
C VAL C 37 2.58 14.17 -11.66
N ILE C 38 2.00 13.40 -10.75
CA ILE C 38 2.50 12.07 -10.39
C ILE C 38 1.77 11.06 -11.26
N VAL C 39 2.52 10.26 -12.01
CA VAL C 39 1.96 9.25 -12.90
C VAL C 39 2.49 7.89 -12.48
N GLU C 40 1.60 7.00 -12.08
CA GLU C 40 1.97 5.66 -11.66
C GLU C 40 1.00 4.65 -12.25
N LYS C 41 1.46 3.41 -12.34
CA LYS C 41 0.63 2.31 -12.80
C LYS C 41 -0.36 1.90 -11.72
N ALA C 42 -1.59 1.63 -12.12
CA ALA C 42 -2.59 1.13 -11.20
C ALA C 42 -2.14 -0.22 -10.62
N PRO C 43 -2.58 -0.56 -9.39
CA PRO C 43 -2.08 -1.78 -8.73
C PRO C 43 -2.12 -3.03 -9.59
N LYS C 44 -3.30 -3.47 -10.01
CA LYS C 44 -3.46 -4.71 -10.74
C LYS C 44 -3.37 -4.52 -12.25
N ALA C 45 -2.84 -3.40 -12.71
CA ALA C 45 -2.74 -3.13 -14.14
C ALA C 45 -1.69 -4.03 -14.77
N ARG C 46 -1.99 -4.55 -15.95
CA ARG C 46 -1.06 -5.38 -16.70
C ARG C 46 -0.44 -4.59 -17.85
N VAL C 47 0.27 -3.54 -17.47
CA VAL C 47 0.93 -2.63 -18.41
C VAL C 47 2.34 -2.39 -17.90
N PRO C 48 3.29 -2.04 -18.78
CA PRO C 48 4.66 -1.76 -18.30
C PRO C 48 4.71 -0.54 -17.40
N ASP C 49 5.71 -0.52 -16.51
CA ASP C 49 5.87 0.62 -15.62
C ASP C 49 6.69 1.72 -16.27
N LEU C 50 6.53 2.94 -15.77
CA LEU C 50 7.36 4.06 -16.17
C LEU C 50 8.58 4.15 -15.26
N ASP C 51 9.72 4.51 -15.86
CA ASP C 51 10.93 4.68 -15.06
C ASP C 51 10.92 5.94 -14.21
N LYS C 52 10.01 6.87 -14.49
CA LYS C 52 9.89 8.10 -13.71
C LYS C 52 8.45 8.26 -13.23
N ARG C 53 8.31 8.90 -12.08
CA ARG C 53 7.00 9.14 -11.47
C ARG C 53 6.57 10.59 -11.48
N LYS C 54 7.51 11.53 -11.50
CA LYS C 54 7.22 12.96 -11.39
C LYS C 54 7.40 13.60 -12.77
N TYR C 55 6.33 14.23 -13.25
CA TYR C 55 6.34 14.84 -14.58
C TYR C 55 5.88 16.29 -14.49
N LEU C 56 6.51 17.14 -15.29
CA LEU C 56 6.17 18.55 -15.40
C LEU C 56 5.44 18.76 -16.72
N VAL C 57 4.16 19.10 -16.66
CA VAL C 57 3.26 19.07 -17.80
C VAL C 57 2.81 20.49 -18.09
N PRO C 58 2.81 20.93 -19.35
CA PRO C 58 2.26 22.27 -19.66
C PRO C 58 0.78 22.33 -19.31
N SER C 59 0.38 23.47 -18.75
CA SER C 59 -1.01 23.63 -18.30
CA SER C 59 -1.01 23.63 -18.30
C SER C 59 -1.98 23.59 -19.46
N ASP C 60 -1.56 23.99 -20.66
CA ASP C 60 -2.43 24.03 -21.82
C ASP C 60 -2.43 22.73 -22.62
N LEU C 61 -1.65 21.74 -22.21
CA LEU C 61 -1.72 20.43 -22.85
C LEU C 61 -3.06 19.78 -22.50
N THR C 62 -3.73 19.24 -23.51
CA THR C 62 -5.01 18.61 -23.26
C THR C 62 -4.81 17.23 -22.64
N VAL C 63 -5.87 16.73 -22.00
CA VAL C 63 -5.82 15.41 -21.39
C VAL C 63 -5.61 14.35 -22.45
N GLY C 64 -6.24 14.50 -23.61
CA GLY C 64 -6.04 13.56 -24.70
C GLY C 64 -4.61 13.57 -25.22
N GLN C 65 -4.00 14.75 -25.30
CA GLN C 65 -2.60 14.83 -25.69
C GLN C 65 -1.70 14.21 -24.63
N PHE C 66 -2.02 14.40 -23.36
CA PHE C 66 -1.25 13.76 -22.30
C PHE C 66 -1.40 12.24 -22.35
N TYR C 67 -2.57 11.75 -22.76
CA TYR C 67 -2.77 10.31 -22.94
CA TYR C 67 -2.75 10.31 -22.92
C TYR C 67 -1.74 9.75 -23.91
N PHE C 68 -1.65 10.36 -25.10
CA PHE C 68 -0.78 9.85 -26.15
C PHE C 68 0.69 9.96 -25.78
N LEU C 69 1.07 11.01 -25.06
CA LEU C 69 2.47 11.18 -24.68
C LEU C 69 2.90 10.13 -23.67
N ILE C 70 2.04 9.82 -22.69
CA ILE C 70 2.36 8.77 -21.72
C ILE C 70 2.37 7.41 -22.39
N ARG C 71 1.44 7.17 -23.31
CA ARG C 71 1.38 5.89 -24.01
C ARG C 71 2.66 5.63 -24.79
N LYS C 72 3.26 6.68 -25.37
CA LYS C 72 4.50 6.48 -26.12
C LYS C 72 5.69 6.27 -25.19
N ARG C 73 5.65 6.80 -23.97
CA ARG C 73 6.71 6.53 -23.01
C ARG C 73 6.64 5.10 -22.49
N ILE C 74 5.42 4.56 -22.33
CA ILE C 74 5.27 3.18 -21.93
C ILE C 74 5.59 2.24 -23.09
N HIS C 75 5.40 2.71 -24.33
CA HIS C 75 5.55 1.91 -25.54
C HIS C 75 4.63 0.70 -25.51
N LEU C 76 3.41 0.86 -26.01
CA LEU C 76 2.42 -0.19 -26.04
C LEU C 76 2.18 -0.65 -27.47
N ARG C 77 1.76 -1.90 -27.62
CA ARG C 77 1.33 -2.39 -28.93
C ARG C 77 0.02 -1.71 -29.33
N PRO C 78 -0.25 -1.61 -30.63
CA PRO C 78 -1.46 -0.90 -31.06
C PRO C 78 -2.75 -1.47 -30.49
N GLU C 79 -2.79 -2.77 -30.18
CA GLU C 79 -3.99 -3.38 -29.64
C GLU C 79 -4.12 -3.22 -28.12
N ASP C 80 -3.09 -2.69 -27.46
CA ASP C 80 -3.13 -2.54 -26.01
C ASP C 80 -4.04 -1.38 -25.61
N ALA C 81 -4.95 -1.66 -24.68
CA ALA C 81 -5.83 -0.63 -24.15
C ALA C 81 -5.18 0.07 -22.96
N LEU C 82 -5.52 1.34 -22.78
CA LEU C 82 -4.96 2.13 -21.69
C LEU C 82 -6.00 3.15 -21.23
N PHE C 83 -6.17 3.27 -19.92
CA PHE C 83 -7.11 4.20 -19.32
C PHE C 83 -6.41 4.97 -18.21
N PHE C 84 -6.83 6.23 -18.03
CA PHE C 84 -6.28 7.06 -16.98
CA PHE C 84 -6.30 7.13 -17.02
C PHE C 84 -7.34 7.35 -15.93
N PHE C 85 -6.86 7.54 -14.70
CA PHE C 85 -7.76 7.73 -13.55
C PHE C 85 -7.25 8.86 -12.68
N VAL C 86 -8.15 9.79 -12.34
CA VAL C 86 -7.89 10.85 -11.38
C VAL C 86 -9.04 10.83 -10.38
N ASN C 87 -8.72 10.55 -9.12
CA ASN C 87 -9.73 10.39 -8.07
C ASN C 87 -10.78 9.36 -8.47
N ASN C 88 -10.29 8.20 -8.94
CA ASN C 88 -11.11 7.07 -9.34
C ASN C 88 -12.07 7.40 -10.47
N THR C 89 -11.75 8.40 -11.28
CA THR C 89 -12.61 8.81 -12.39
C THR C 89 -11.75 9.09 -13.61
N ILE C 90 -12.21 8.62 -14.77
CA ILE C 90 -11.51 8.88 -16.03
C ILE C 90 -11.71 10.35 -16.38
N PRO C 91 -10.63 11.11 -16.56
CA PRO C 91 -10.77 12.56 -16.78
C PRO C 91 -11.31 12.85 -18.17
N PRO C 92 -11.88 14.03 -18.38
CA PRO C 92 -12.41 14.39 -19.70
C PRO C 92 -11.27 14.61 -20.69
N THR C 93 -11.51 14.16 -21.94
CA THR C 93 -10.46 14.22 -22.96
C THR C 93 -10.15 15.66 -23.36
N SER C 94 -11.18 16.49 -23.53
CA SER C 94 -10.99 17.86 -24.01
CA SER C 94 -10.99 17.86 -24.01
C SER C 94 -10.49 18.81 -22.93
N ALA C 95 -10.40 18.37 -21.68
CA ALA C 95 -9.89 19.23 -20.63
C ALA C 95 -8.38 19.41 -20.77
N THR C 96 -7.90 20.55 -20.30
CA THR C 96 -6.46 20.80 -20.26
C THR C 96 -5.88 20.29 -18.95
N MET C 97 -4.59 19.97 -18.98
CA MET C 97 -3.94 19.47 -17.78
C MET C 97 -3.91 20.53 -16.68
N GLY C 98 -3.84 21.80 -17.05
CA GLY C 98 -3.95 22.85 -16.06
C GLY C 98 -5.34 22.92 -15.44
N GLN C 99 -6.37 22.75 -16.28
CA GLN C 99 -7.74 22.73 -15.76
C GLN C 99 -7.97 21.51 -14.88
N LEU C 100 -7.45 20.35 -15.28
CA LEU C 100 -7.56 19.16 -14.45
C LEU C 100 -6.80 19.30 -13.15
N TYR C 101 -5.67 20.00 -13.17
CA TYR C 101 -4.91 20.27 -11.96
C TYR C 101 -5.69 21.16 -11.01
N GLU C 102 -6.30 22.22 -11.53
CA GLU C 102 -7.04 23.15 -10.66
C GLU C 102 -8.19 22.46 -9.95
N ASP C 103 -8.80 21.45 -10.57
CA ASP C 103 -9.97 20.82 -10.00
C ASP C 103 -9.65 19.58 -9.17
N ASN C 104 -8.45 19.02 -9.27
CA ASN C 104 -8.15 17.74 -8.65
C ASN C 104 -6.82 17.66 -7.90
N HIS C 105 -6.01 18.72 -7.90
CA HIS C 105 -4.73 18.65 -7.21
C HIS C 105 -4.96 18.49 -5.71
N GLU C 106 -4.15 17.65 -5.08
CA GLU C 106 -4.29 17.38 -3.67
C GLU C 106 -3.61 18.48 -2.85
N GLU C 107 -3.62 18.29 -1.52
CA GLU C 107 -3.13 19.34 -0.63
C GLU C 107 -1.62 19.55 -0.72
N ASP C 108 -0.89 18.61 -1.32
CA ASP C 108 0.53 18.77 -1.56
C ASP C 108 0.83 19.42 -2.92
N TYR C 109 -0.19 19.98 -3.56
CA TYR C 109 -0.05 20.67 -4.85
C TYR C 109 0.42 19.73 -5.96
N PHE C 110 0.13 18.44 -5.82
CA PHE C 110 0.42 17.45 -6.84
C PHE C 110 -0.88 16.92 -7.43
N LEU C 111 -0.88 16.69 -8.74
CA LEU C 111 -1.95 15.98 -9.42
C LEU C 111 -1.55 14.53 -9.60
N TYR C 112 -2.40 13.62 -9.14
CA TYR C 112 -2.11 12.20 -9.15
C TYR C 112 -2.93 11.53 -10.26
N VAL C 113 -2.24 10.88 -11.19
CA VAL C 113 -2.87 10.20 -12.32
C VAL C 113 -2.39 8.76 -12.34
N ALA C 114 -3.31 7.82 -12.33
CA ALA C 114 -2.99 6.40 -12.46
C ALA C 114 -3.43 5.90 -13.82
N TYR C 115 -2.74 4.90 -14.34
CA TYR C 115 -3.07 4.31 -15.62
C TYR C 115 -3.19 2.79 -15.50
N SER C 116 -4.01 2.21 -16.36
CA SER C 116 -4.26 0.78 -16.34
C SER C 116 -4.80 0.35 -17.70
N ASP C 117 -4.74 -0.95 -17.96
CA ASP C 117 -5.38 -1.52 -19.14
C ASP C 117 -6.87 -1.71 -18.96
N GLU C 118 -7.37 -1.66 -17.73
CA GLU C 118 -8.79 -1.77 -17.44
C GLU C 118 -9.42 -0.39 -17.27
N SER C 119 -10.74 -0.36 -17.45
CA SER C 119 -11.51 0.89 -17.35
C SER C 119 -11.93 1.22 -15.93
N VAL C 120 -11.58 0.37 -14.96
CA VAL C 120 -11.87 0.62 -13.55
C VAL C 120 -10.56 0.53 -12.78
N TYR C 121 -10.29 1.52 -11.94
CA TYR C 121 -9.05 1.55 -11.18
C TYR C 121 -8.98 0.34 -10.25
N GLY C 122 -7.84 -0.35 -10.29
CA GLY C 122 -7.61 -1.50 -9.43
C GLY C 122 -8.11 -2.83 -9.98
N LYS C 123 -8.91 -2.81 -11.04
CA LYS C 123 -9.42 -4.04 -11.62
C LYS C 123 -8.37 -4.75 -12.45
N SER D 3 13.91 11.37 -8.39
CA SER D 3 14.27 12.62 -7.73
C SER D 3 13.51 13.80 -8.34
N PHE D 5 11.96 16.41 -11.47
CA PHE D 5 10.96 16.22 -12.52
C PHE D 5 11.59 16.04 -13.90
N ASN D 7 10.50 16.84 -18.01
CA ASN D 7 9.55 17.68 -18.74
C ASN D 7 8.80 16.91 -19.81
N ILE D 8 7.49 17.07 -19.82
CA ILE D 8 6.60 16.52 -20.83
C ILE D 8 6.26 17.63 -21.81
N SER D 9 6.34 17.35 -23.11
CA SER D 9 5.96 18.31 -24.13
C SER D 9 5.62 17.55 -25.41
N LEU D 10 5.01 18.27 -26.35
CA LEU D 10 4.67 17.66 -27.63
C LEU D 10 5.92 17.27 -28.41
N ALA D 11 7.00 18.04 -28.26
CA ALA D 11 8.31 17.65 -28.77
C ALA D 11 9.09 16.80 -27.77
N ASP D 12 8.48 16.46 -26.64
CA ASP D 12 9.11 15.66 -25.59
C ASP D 12 10.41 16.30 -25.10
N MET E 7 -14.49 26.90 23.80
CA MET E 7 -13.91 26.30 22.61
C MET E 7 -14.96 26.13 21.51
N LYS E 8 -14.61 26.55 20.29
CA LYS E 8 -15.49 26.44 19.14
C LYS E 8 -14.76 25.76 17.99
N PHE E 9 -15.43 24.83 17.33
CA PHE E 9 -14.86 24.09 16.21
C PHE E 9 -15.81 24.16 15.02
N GLN E 10 -15.24 24.35 13.83
CA GLN E 10 -16.04 24.40 12.63
C GLN E 10 -16.66 23.06 12.27
N TYR E 11 -16.08 21.95 12.75
CA TYR E 11 -16.70 20.65 12.53
C TYR E 11 -18.03 20.53 13.26
N LYS E 12 -18.17 21.18 14.41
CA LYS E 12 -19.45 21.14 15.13
C LYS E 12 -20.48 22.04 14.45
N GLU E 13 -20.03 23.16 13.89
CA GLU E 13 -20.95 24.08 13.21
C GLU E 13 -21.41 23.52 11.87
N ASP E 14 -20.69 22.57 11.29
CA ASP E 14 -21.09 21.97 10.02
C ASP E 14 -21.97 20.76 10.19
N HIS E 15 -21.90 20.07 11.33
CA HIS E 15 -22.61 18.82 11.55
C HIS E 15 -23.25 18.80 12.92
N PRO E 16 -24.53 18.40 13.01
CA PRO E 16 -25.18 18.32 14.32
C PRO E 16 -24.62 17.20 15.16
N PHE E 17 -25.01 17.21 16.45
CA PHE E 17 -24.45 16.27 17.41
C PHE E 17 -24.76 14.82 17.04
N GLU E 18 -25.98 14.56 16.56
CA GLU E 18 -26.34 13.20 16.19
C GLU E 18 -25.52 12.69 15.01
N TYR E 19 -25.22 13.57 14.06
CA TYR E 19 -24.40 13.18 12.92
C TYR E 19 -22.98 12.84 13.37
N ARG E 20 -22.39 13.69 14.21
CA ARG E 20 -21.02 13.46 14.67
C ARG E 20 -20.93 12.18 15.49
N LYS E 21 -21.95 11.89 16.31
CA LYS E 21 -21.91 10.70 17.15
C LYS E 21 -21.90 9.44 16.29
N LYS E 22 -22.78 9.38 15.29
CA LYS E 22 -22.85 8.18 14.44
C LYS E 22 -21.57 8.00 13.64
N GLU E 23 -20.96 9.09 13.18
CA GLU E 23 -19.69 8.99 12.48
C GLU E 23 -18.56 8.57 13.43
N GLY E 24 -18.63 9.02 14.69
CA GLY E 24 -17.60 8.64 15.65
C GLY E 24 -17.74 7.19 16.11
N GLU E 25 -18.98 6.73 16.32
CA GLU E 25 -19.18 5.35 16.72
C GLU E 25 -18.78 4.38 15.63
N LYS E 26 -19.08 4.73 14.37
CA LYS E 26 -18.80 3.82 13.26
C LYS E 26 -17.30 3.71 13.01
N ILE E 27 -16.58 4.83 13.04
CA ILE E 27 -15.15 4.80 12.77
C ILE E 27 -14.38 4.15 13.92
N ARG E 28 -14.95 4.14 15.12
CA ARG E 28 -14.30 3.49 16.25
C ARG E 28 -14.46 1.97 16.19
N LYS E 29 -15.59 1.48 15.66
CA LYS E 29 -15.79 0.05 15.50
C LYS E 29 -15.03 -0.49 14.29
N LYS E 30 -14.82 0.33 13.26
CA LYS E 30 -14.09 -0.11 12.08
C LYS E 30 -12.59 -0.17 12.34
N TYR E 31 -12.06 0.78 13.11
CA TYR E 31 -10.64 0.83 13.45
C TYR E 31 -10.49 1.03 14.94
N PRO E 32 -10.59 -0.06 15.72
CA PRO E 32 -10.46 0.06 17.18
C PRO E 32 -9.05 0.42 17.63
N ASP E 33 -8.04 0.27 16.78
CA ASP E 33 -6.68 0.65 17.09
C ASP E 33 -6.37 2.10 16.72
N ARG E 34 -7.39 2.88 16.40
CA ARG E 34 -7.23 4.28 16.03
C ARG E 34 -8.33 5.11 16.68
N VAL E 35 -8.08 6.41 16.79
CA VAL E 35 -9.03 7.32 17.41
C VAL E 35 -9.31 8.49 16.47
N PRO E 36 -10.57 8.92 16.33
CA PRO E 36 -10.87 10.09 15.49
C PRO E 36 -10.60 11.38 16.25
N VAL E 37 -9.88 12.29 15.61
CA VAL E 37 -9.42 13.53 16.24
C VAL E 37 -9.76 14.71 15.34
N ILE E 38 -10.38 15.73 15.91
CA ILE E 38 -10.62 16.99 15.21
C ILE E 38 -9.53 17.97 15.63
N VAL E 39 -8.79 18.49 14.66
CA VAL E 39 -7.71 19.43 14.90
C VAL E 39 -8.02 20.71 14.14
N GLU E 40 -8.22 21.80 14.89
CA GLU E 40 -8.51 23.10 14.30
C GLU E 40 -7.68 24.17 14.99
N LYS E 41 -7.51 25.29 14.30
CA LYS E 41 -6.74 26.40 14.83
C LYS E 41 -7.56 27.20 15.82
N ALA E 42 -6.92 27.65 16.90
CA ALA E 42 -7.57 28.58 17.81
C ALA E 42 -7.89 29.88 17.07
N PRO E 43 -9.00 30.55 17.43
CA PRO E 43 -9.42 31.72 16.63
C PRO E 43 -8.41 32.86 16.63
N LYS E 44 -7.77 33.13 17.76
CA LYS E 44 -6.81 34.22 17.86
C LYS E 44 -5.38 33.78 17.55
N ALA E 45 -5.20 32.54 17.11
CA ALA E 45 -3.86 32.04 16.84
C ALA E 45 -3.28 32.68 15.58
N ARG E 46 -1.99 32.99 15.62
CA ARG E 46 -1.27 33.49 14.46
C ARG E 46 -0.38 32.40 13.88
N VAL E 47 -1.04 31.31 13.49
CA VAL E 47 -0.40 30.11 12.95
C VAL E 47 -1.13 29.76 11.65
N PRO E 48 -0.46 29.25 10.62
CA PRO E 48 -1.18 28.83 9.42
C PRO E 48 -2.23 27.77 9.72
N ASP E 49 -3.27 27.73 8.88
CA ASP E 49 -4.34 26.76 9.05
C ASP E 49 -3.97 25.43 8.44
N LEU E 50 -4.59 24.37 8.95
CA LEU E 50 -4.37 23.03 8.43
C LEU E 50 -5.20 22.79 7.18
N ASP E 51 -4.69 21.92 6.32
CA ASP E 51 -5.42 21.56 5.11
C ASP E 51 -6.67 20.74 5.43
N LYS E 52 -6.54 19.78 6.34
CA LYS E 52 -7.65 18.94 6.76
C LYS E 52 -7.80 19.01 8.28
N ARG E 53 -9.02 18.77 8.76
CA ARG E 53 -9.34 18.90 10.17
C ARG E 53 -9.64 17.58 10.86
N LYS E 54 -9.98 16.53 10.12
CA LYS E 54 -10.41 15.27 10.69
C LYS E 54 -9.35 14.20 10.43
N TYR E 55 -8.80 13.64 11.51
CA TYR E 55 -7.68 12.72 11.42
C TYR E 55 -8.00 11.42 12.13
N LEU E 56 -7.40 10.34 11.65
CA LEU E 56 -7.46 9.03 12.28
C LEU E 56 -6.07 8.73 12.82
N VAL E 57 -5.93 8.74 14.14
CA VAL E 57 -4.62 8.70 14.79
C VAL E 57 -4.43 7.34 15.47
N PRO E 58 -3.26 6.72 15.34
CA PRO E 58 -3.00 5.48 16.08
C PRO E 58 -3.10 5.70 17.58
N SER E 59 -3.75 4.76 18.26
CA SER E 59 -3.96 4.90 19.69
CA SER E 59 -3.96 4.90 19.69
C SER E 59 -2.65 4.87 20.47
N ASP E 60 -1.63 4.19 19.94
CA ASP E 60 -0.34 4.09 20.61
C ASP E 60 0.62 5.21 20.25
N LEU E 61 0.24 6.09 19.33
CA LEU E 61 1.05 7.29 19.08
C LEU E 61 1.01 8.20 20.30
N THR E 62 2.17 8.69 20.70
CA THR E 62 2.22 9.58 21.86
C THR E 62 1.74 10.98 21.46
N VAL E 63 1.33 11.74 22.47
CA VAL E 63 0.89 13.11 22.26
C VAL E 63 2.03 13.96 21.71
N GLY E 64 3.24 13.73 22.21
CA GLY E 64 4.40 14.46 21.68
C GLY E 64 4.67 14.13 20.22
N GLN E 65 4.49 12.86 19.84
CA GLN E 65 4.62 12.49 18.43
C GLN E 65 3.52 13.11 17.59
N PHE E 66 2.30 13.16 18.13
CA PHE E 66 1.21 13.83 17.42
C PHE E 66 1.50 15.32 17.28
N TYR E 67 2.12 15.92 18.29
CA TYR E 67 2.54 17.32 18.22
CA TYR E 67 2.51 17.32 18.20
C TYR E 67 3.42 17.55 17.00
N PHE E 68 4.48 16.75 16.87
CA PHE E 68 5.46 16.95 15.82
C PHE E 68 4.86 16.72 14.43
N LEU E 69 3.97 15.73 14.30
CA LEU E 69 3.39 15.43 12.99
C LEU E 69 2.47 16.55 12.53
N ILE E 70 1.64 17.08 13.44
CA ILE E 70 0.78 18.20 13.09
C ILE E 70 1.61 19.45 12.82
N ARG E 71 2.67 19.65 13.59
CA ARG E 71 3.52 20.82 13.37
C ARG E 71 4.13 20.81 11.97
N LYS E 72 4.55 19.64 11.49
CA LYS E 72 5.14 19.54 10.16
C LYS E 72 4.08 19.72 9.07
N ARG E 73 2.84 19.34 9.34
CA ARG E 73 1.78 19.57 8.35
C ARG E 73 1.49 21.06 8.21
N ILE E 74 1.55 21.81 9.32
CA ILE E 74 1.39 23.26 9.25
C ILE E 74 2.62 23.92 8.63
N HIS E 75 3.78 23.26 8.71
CA HIS E 75 5.05 23.80 8.23
C HIS E 75 5.37 25.11 8.94
N LEU E 76 5.87 25.02 10.17
CA LEU E 76 6.25 26.18 10.94
C LEU E 76 7.76 26.40 10.87
N ARG E 77 8.16 27.66 10.96
CA ARG E 77 9.57 27.97 11.04
C ARG E 77 10.14 27.44 12.37
N PRO E 78 11.44 27.15 12.43
CA PRO E 78 12.01 26.58 13.66
C PRO E 78 11.78 27.45 14.89
N GLU E 79 11.67 28.77 14.73
CA GLU E 79 11.47 29.66 15.86
C GLU E 79 10.00 29.84 16.24
N ASP E 80 9.07 29.28 15.47
CA ASP E 80 7.65 29.44 15.75
C ASP E 80 7.23 28.56 16.92
N ALA E 81 6.42 29.12 17.80
CA ALA E 81 5.86 28.39 18.94
C ALA E 81 4.54 27.75 18.56
N LEU E 82 4.24 26.61 19.20
CA LEU E 82 3.02 25.88 18.93
C LEU E 82 2.60 25.13 20.17
N PHE E 83 1.34 25.27 20.55
CA PHE E 83 0.78 24.60 21.72
C PHE E 83 -0.56 23.97 21.36
N PHE E 84 -0.86 22.85 22.00
CA PHE E 84 -2.11 22.17 21.78
CA PHE E 84 -2.09 22.09 21.80
C PHE E 84 -2.98 22.23 23.03
N PHE E 85 -4.29 22.22 22.82
CA PHE E 85 -5.24 22.35 23.91
C PHE E 85 -6.36 21.35 23.76
N VAL E 86 -6.61 20.58 24.82
CA VAL E 86 -7.73 19.66 24.91
C VAL E 86 -8.49 20.00 26.17
N ASN E 87 -9.74 20.46 26.01
CA ASN E 87 -10.55 20.95 27.12
C ASN E 87 -9.83 22.07 27.87
N ASN E 88 -9.31 23.03 27.09
CA ASN E 88 -8.63 24.22 27.61
C ASN E 88 -7.38 23.88 28.42
N THR E 89 -6.79 22.71 28.19
CA THR E 89 -5.60 22.30 28.92
C THR E 89 -4.61 21.66 27.94
N ILE E 90 -3.33 21.98 28.12
CA ILE E 90 -2.27 21.40 27.31
C ILE E 90 -2.09 19.95 27.75
N PRO E 91 -2.31 18.97 26.85
CA PRO E 91 -2.27 17.57 27.26
C PRO E 91 -0.85 17.12 27.57
N PRO E 92 -0.69 16.03 28.34
CA PRO E 92 0.66 15.57 28.68
C PRO E 92 1.36 14.99 27.46
N THR E 93 2.68 15.21 27.41
CA THR E 93 3.46 14.80 26.25
C THR E 93 3.65 13.28 26.18
N SER E 94 3.86 12.64 27.33
CA SER E 94 4.16 11.22 27.35
CA SER E 94 4.16 11.22 27.35
C SER E 94 2.92 10.34 27.22
N ALA E 95 1.73 10.91 27.33
CA ALA E 95 0.52 10.11 27.18
C ALA E 95 0.33 9.69 25.73
N THR E 96 -0.35 8.57 25.53
CA THR E 96 -0.70 8.12 24.19
C THR E 96 -2.00 8.78 23.74
N MET E 97 -2.16 8.87 22.41
CA MET E 97 -3.37 9.48 21.86
C MET E 97 -4.60 8.65 22.22
N GLY E 98 -4.45 7.33 22.33
CA GLY E 98 -5.57 6.52 22.80
C GLY E 98 -5.90 6.80 24.25
N GLN E 99 -4.89 6.98 25.09
CA GLN E 99 -5.12 7.34 26.49
C GLN E 99 -5.75 8.72 26.61
N LEU E 100 -5.27 9.69 25.82
CA LEU E 100 -5.88 11.01 25.83
C LEU E 100 -7.31 10.96 25.32
N TYR E 101 -7.59 10.10 24.34
CA TYR E 101 -8.94 9.93 23.83
C TYR E 101 -9.86 9.38 24.90
N GLU E 102 -9.41 8.37 25.65
CA GLU E 102 -10.26 7.76 26.67
C GLU E 102 -10.65 8.76 27.75
N ASP E 103 -9.78 9.71 28.07
CA ASP E 103 -10.02 10.63 29.16
C ASP E 103 -10.69 11.94 28.73
N ASN E 104 -10.76 12.22 27.42
CA ASN E 104 -11.19 13.54 26.97
C ASN E 104 -12.14 13.54 25.79
N HIS E 105 -12.49 12.39 25.21
CA HIS E 105 -13.40 12.39 24.08
C HIS E 105 -14.80 12.81 24.53
N GLU E 106 -15.48 13.55 23.66
CA GLU E 106 -16.82 14.03 23.95
C GLU E 106 -17.84 12.94 23.66
N GLU E 107 -19.11 13.24 23.91
CA GLU E 107 -20.19 12.28 23.72
CA GLU E 107 -20.15 12.24 23.73
C GLU E 107 -20.39 11.88 22.27
N ASP E 108 -19.79 12.60 21.33
CA ASP E 108 -19.84 12.22 19.92
C ASP E 108 -18.69 11.31 19.52
N TYR E 109 -17.91 10.83 20.51
CA TYR E 109 -16.79 9.92 20.32
C TYR E 109 -15.67 10.53 19.49
N PHE E 110 -15.57 11.85 19.47
CA PHE E 110 -14.48 12.56 18.82
C PHE E 110 -13.60 13.23 19.86
N LEU E 111 -12.30 13.26 19.60
CA LEU E 111 -11.36 14.02 20.40
C LEU E 111 -11.09 15.34 19.71
N TYR E 112 -11.24 16.45 20.45
CA TYR E 112 -11.12 17.78 19.90
C TYR E 112 -9.83 18.43 20.38
N VAL E 113 -8.99 18.85 19.45
CA VAL E 113 -7.69 19.45 19.74
C VAL E 113 -7.61 20.79 19.02
N ALA E 114 -7.27 21.84 19.76
CA ALA E 114 -7.03 23.15 19.20
C ALA E 114 -5.56 23.52 19.37
N TYR E 115 -5.02 24.27 18.40
CA TYR E 115 -3.63 24.67 18.45
C TYR E 115 -3.50 26.18 18.29
N SER E 116 -2.41 26.71 18.82
CA SER E 116 -2.15 28.15 18.80
C SER E 116 -0.68 28.38 19.08
N ASP E 117 -0.22 29.58 18.71
CA ASP E 117 1.13 29.99 19.08
C ASP E 117 1.22 30.45 20.53
N GLU E 118 0.10 30.78 21.15
CA GLU E 118 0.06 31.10 22.57
C GLU E 118 -0.25 29.85 23.39
N SER E 119 0.05 29.94 24.69
CA SER E 119 -0.06 28.79 25.58
C SER E 119 -1.27 28.87 26.51
N VAL E 120 -2.28 29.67 26.15
CA VAL E 120 -3.49 29.78 26.95
C VAL E 120 -4.76 29.64 26.11
N TYR E 121 -4.63 29.38 24.81
CA TYR E 121 -5.75 29.21 23.87
C TYR E 121 -6.51 30.53 23.66
N GLY E 122 -6.73 31.30 24.72
CA GLY E 122 -7.50 32.52 24.63
C GLY E 122 -6.76 33.68 24.00
N LYS E 123 -5.47 33.81 24.29
CA LYS E 123 -4.67 34.93 23.78
C LYS E 123 -4.33 34.76 22.31
N SER F 3 -15.19 15.36 3.94
CA SER F 3 -15.69 14.92 5.24
C SER F 3 -15.15 13.54 5.59
N PHE F 5 -11.85 10.92 6.72
CA PHE F 5 -10.66 10.92 7.56
C PHE F 5 -9.39 10.80 6.73
N ASN F 7 -5.28 9.52 7.47
CA ASN F 7 -4.49 8.81 8.46
C ASN F 7 -3.23 9.57 8.86
N ILE F 8 -2.99 9.65 10.16
CA ILE F 8 -1.77 10.20 10.72
C ILE F 8 -0.83 9.04 11.03
N SER F 9 0.39 9.10 10.52
N SER F 9 0.40 9.11 10.53
CA SER F 9 1.37 8.05 10.75
CA SER F 9 1.37 8.05 10.75
C SER F 9 2.76 8.66 10.82
C SER F 9 2.76 8.66 10.81
N LEU F 10 3.69 7.91 11.42
CA LEU F 10 5.07 8.39 11.53
C LEU F 10 5.76 8.41 10.17
N ALA F 11 5.42 7.49 9.27
CA ALA F 11 6.02 7.48 7.95
C ALA F 11 5.53 8.65 7.11
N ASP F 12 4.28 9.05 7.28
CA ASP F 12 3.73 10.19 6.54
C ASP F 12 4.09 11.50 7.24
N MET G 7 6.09 -14.56 -2.51
CA MET G 7 4.79 -15.15 -2.21
C MET G 7 4.26 -14.68 -0.86
N LYS G 8 3.10 -14.02 -0.89
CA LYS G 8 2.46 -13.51 0.31
C LYS G 8 1.11 -14.20 0.48
N PHE G 9 0.94 -14.89 1.61
CA PHE G 9 -0.31 -15.53 1.97
C PHE G 9 -0.92 -14.81 3.17
N GLN G 10 -2.18 -14.38 3.02
CA GLN G 10 -2.84 -13.66 4.10
C GLN G 10 -3.05 -14.51 5.35
N TYR G 11 -3.08 -15.84 5.20
CA TYR G 11 -3.17 -16.69 6.38
C TYR G 11 -1.93 -16.57 7.26
N LYS G 12 -0.78 -16.30 6.66
CA LYS G 12 0.43 -16.04 7.45
C LYS G 12 0.37 -14.68 8.13
N GLU G 13 -0.22 -13.68 7.45
CA GLU G 13 -0.29 -12.33 8.01
C GLU G 13 -1.16 -12.30 9.27
N ASP G 14 -2.14 -13.20 9.38
CA ASP G 14 -3.11 -13.14 10.45
C ASP G 14 -2.77 -14.03 11.63
N HIS G 15 -1.98 -15.08 11.44
CA HIS G 15 -1.69 -16.03 12.50
C HIS G 15 -0.18 -16.19 12.64
N PRO G 16 0.35 -16.16 13.87
CA PRO G 16 1.78 -16.36 14.06
C PRO G 16 2.21 -17.78 13.74
N PHE G 17 3.52 -17.99 13.71
CA PHE G 17 4.07 -19.28 13.30
C PHE G 17 3.67 -20.39 14.26
N GLU G 18 3.81 -20.16 15.56
CA GLU G 18 3.49 -21.19 16.54
C GLU G 18 1.99 -21.51 16.54
N TYR G 19 1.16 -20.54 16.17
CA TYR G 19 -0.27 -20.81 16.02
C TYR G 19 -0.53 -21.78 14.88
N ARG G 20 0.13 -21.57 13.74
CA ARG G 20 -0.09 -22.44 12.59
C ARG G 20 0.56 -23.80 12.80
N LYS G 21 1.74 -23.82 13.42
CA LYS G 21 2.46 -25.08 13.62
C LYS G 21 1.69 -26.01 14.57
N LYS G 22 1.06 -25.46 15.61
CA LYS G 22 0.30 -26.28 16.53
C LYS G 22 -0.95 -26.85 15.85
N GLU G 23 -1.61 -26.05 15.02
CA GLU G 23 -2.78 -26.55 14.30
C GLU G 23 -2.38 -27.53 13.20
N GLY G 24 -1.26 -27.27 12.53
CA GLY G 24 -0.80 -28.19 11.50
C GLY G 24 -0.36 -29.53 12.07
N GLU G 25 0.29 -29.50 13.23
CA GLU G 25 0.68 -30.76 13.89
C GLU G 25 -0.55 -31.54 14.35
N LYS G 26 -1.54 -30.84 14.91
CA LYS G 26 -2.71 -31.53 15.45
C LYS G 26 -3.56 -32.15 14.35
N ILE G 27 -3.70 -31.46 13.22
CA ILE G 27 -4.55 -31.97 12.14
C ILE G 27 -3.86 -33.11 11.40
N ARG G 28 -2.52 -33.13 11.38
CA ARG G 28 -1.80 -34.24 10.76
C ARG G 28 -1.81 -35.48 11.64
N LYS G 29 -1.87 -35.31 12.97
CA LYS G 29 -1.96 -36.47 13.85
C LYS G 29 -3.37 -37.05 13.85
N LYS G 30 -4.39 -36.20 13.68
CA LYS G 30 -5.76 -36.69 13.66
C LYS G 30 -6.10 -37.36 12.33
N TYR G 31 -5.66 -36.77 11.21
CA TYR G 31 -5.91 -37.31 9.87
C TYR G 31 -4.57 -37.58 9.20
N PRO G 32 -3.96 -38.73 9.47
CA PRO G 32 -2.66 -39.04 8.82
C PRO G 32 -2.79 -39.30 7.33
N ASP G 33 -4.00 -39.54 6.83
CA ASP G 33 -4.23 -39.77 5.41
C ASP G 33 -4.68 -38.51 4.68
N ARG G 34 -4.59 -37.35 5.33
CA ARG G 34 -4.99 -36.08 4.74
C ARG G 34 -3.93 -35.04 5.03
N VAL G 35 -3.95 -33.96 4.27
CA VAL G 35 -2.96 -32.89 4.42
C VAL G 35 -3.66 -31.54 4.48
N PRO G 36 -3.24 -30.64 5.38
CA PRO G 36 -3.82 -29.30 5.41
C PRO G 36 -3.19 -28.39 4.37
N VAL G 37 -4.03 -27.70 3.61
CA VAL G 37 -3.58 -26.88 2.48
C VAL G 37 -4.21 -25.50 2.59
N ILE G 38 -3.38 -24.46 2.44
CA ILE G 38 -3.84 -23.08 2.35
C ILE G 38 -3.86 -22.69 0.88
N VAL G 39 -5.02 -22.24 0.40
CA VAL G 39 -5.19 -21.86 -1.00
C VAL G 39 -5.64 -20.40 -1.04
N GLU G 40 -4.84 -19.56 -1.67
CA GLU G 40 -5.16 -18.15 -1.80
C GLU G 40 -4.88 -17.69 -3.23
N LYS G 41 -5.53 -16.60 -3.62
CA LYS G 41 -5.33 -16.03 -4.95
C LYS G 41 -4.04 -15.24 -5.01
N ALA G 42 -3.36 -15.33 -6.15
CA ALA G 42 -2.21 -14.47 -6.38
C ALA G 42 -2.66 -13.02 -6.42
N PRO G 43 -1.85 -12.08 -5.91
CA PRO G 43 -2.33 -10.70 -5.79
C PRO G 43 -2.70 -10.04 -7.11
N LYS G 44 -1.94 -10.30 -8.18
CA LYS G 44 -2.22 -9.70 -9.47
C LYS G 44 -3.16 -10.53 -10.34
N ALA G 45 -3.69 -11.63 -9.80
CA ALA G 45 -4.56 -12.50 -10.59
C ALA G 45 -5.91 -11.85 -10.82
N ARG G 46 -6.45 -12.02 -12.02
CA ARG G 46 -7.80 -11.57 -12.35
C ARG G 46 -8.77 -12.76 -12.33
N VAL G 47 -8.84 -13.37 -11.16
CA VAL G 47 -9.66 -14.55 -10.90
C VAL G 47 -10.47 -14.25 -9.64
N PRO G 48 -11.71 -14.73 -9.52
CA PRO G 48 -12.46 -14.52 -8.28
C PRO G 48 -11.75 -15.13 -7.08
N ASP G 49 -11.98 -14.55 -5.91
CA ASP G 49 -11.41 -15.06 -4.67
C ASP G 49 -12.16 -16.29 -4.20
N LEU G 50 -11.47 -17.11 -3.41
CA LEU G 50 -12.09 -18.29 -2.80
C LEU G 50 -12.83 -17.90 -1.53
N ASP G 51 -13.89 -18.64 -1.22
CA ASP G 51 -14.68 -18.35 -0.04
C ASP G 51 -14.00 -18.83 1.24
N LYS G 52 -13.17 -19.87 1.13
CA LYS G 52 -12.42 -20.41 2.25
C LYS G 52 -10.93 -20.41 1.91
N ARG G 53 -10.11 -20.51 2.94
CA ARG G 53 -8.66 -20.57 2.80
C ARG G 53 -8.06 -21.89 3.25
N LYS G 54 -8.56 -22.47 4.34
CA LYS G 54 -8.02 -23.70 4.89
C LYS G 54 -8.76 -24.89 4.32
N TYR G 55 -8.02 -25.85 3.77
CA TYR G 55 -8.58 -27.04 3.16
C TYR G 55 -7.92 -28.29 3.72
N LEU G 56 -8.74 -29.30 4.02
CA LEU G 56 -8.26 -30.63 4.40
C LEU G 56 -8.42 -31.54 3.19
N VAL G 57 -7.31 -31.98 2.62
CA VAL G 57 -7.28 -32.64 1.33
C VAL G 57 -6.81 -34.07 1.52
N PRO G 58 -7.47 -35.07 0.93
CA PRO G 58 -6.95 -36.44 1.00
C PRO G 58 -5.59 -36.53 0.34
N SER G 59 -4.69 -37.28 0.99
CA SER G 59 -3.32 -37.39 0.51
CA SER G 59 -3.32 -37.39 0.51
C SER G 59 -3.25 -38.06 -0.85
N ASP G 60 -4.16 -38.99 -1.14
CA ASP G 60 -4.14 -39.70 -2.40
C ASP G 60 -4.83 -38.95 -3.53
N LEU G 61 -5.44 -37.80 -3.26
CA LEU G 61 -5.97 -36.96 -4.33
C LEU G 61 -4.83 -36.41 -5.17
N THR G 62 -4.95 -36.53 -6.49
CA THR G 62 -3.90 -36.04 -7.36
C THR G 62 -3.98 -34.52 -7.47
N VAL G 63 -2.86 -33.92 -7.88
CA VAL G 63 -2.82 -32.47 -8.05
C VAL G 63 -3.79 -32.02 -9.14
N GLY G 64 -3.90 -32.82 -10.21
CA GLY G 64 -4.85 -32.48 -11.26
C GLY G 64 -6.29 -32.53 -10.78
N GLN G 65 -6.61 -33.48 -9.89
CA GLN G 65 -7.94 -33.54 -9.32
C GLN G 65 -8.19 -32.36 -8.39
N PHE G 66 -7.17 -31.97 -7.61
CA PHE G 66 -7.30 -30.79 -6.77
C PHE G 66 -7.49 -29.53 -7.62
N TYR G 67 -6.87 -29.48 -8.79
CA TYR G 67 -7.08 -28.38 -9.72
CA TYR G 67 -7.08 -28.37 -9.70
C TYR G 67 -8.55 -28.23 -10.07
N PHE G 68 -9.17 -29.34 -10.49
CA PHE G 68 -10.56 -29.31 -10.95
C PHE G 68 -11.52 -28.95 -9.81
N LEU G 69 -11.24 -29.42 -8.60
CA LEU G 69 -12.13 -29.14 -7.49
C LEU G 69 -12.04 -27.68 -7.05
N ILE G 70 -10.82 -27.12 -7.02
CA ILE G 70 -10.68 -25.71 -6.70
C ILE G 70 -11.28 -24.84 -7.81
N ARG G 71 -11.06 -25.23 -9.07
CA ARG G 71 -11.62 -24.48 -10.18
C ARG G 71 -13.14 -24.40 -10.10
N LYS G 72 -13.78 -25.48 -9.64
CA LYS G 72 -15.23 -25.46 -9.49
C LYS G 72 -15.67 -24.59 -8.32
N ARG G 73 -14.84 -24.48 -7.28
CA ARG G 73 -15.20 -23.61 -6.16
C ARG G 73 -15.06 -22.13 -6.52
N ILE G 74 -14.20 -21.81 -7.48
CA ILE G 74 -14.06 -20.42 -7.93
C ILE G 74 -15.16 -20.04 -8.93
N HIS G 75 -15.79 -21.03 -9.56
CA HIS G 75 -16.80 -20.80 -10.60
C HIS G 75 -16.19 -20.05 -11.78
N LEU G 76 -15.40 -20.79 -12.55
CA LEU G 76 -14.72 -20.26 -13.72
C LEU G 76 -15.44 -20.71 -14.98
N ARG G 77 -15.51 -19.81 -15.96
CA ARG G 77 -16.04 -20.15 -17.27
C ARG G 77 -15.08 -21.11 -17.97
N PRO G 78 -15.57 -21.87 -18.96
CA PRO G 78 -14.69 -22.81 -19.67
C PRO G 78 -13.48 -22.15 -20.31
N GLU G 79 -13.61 -20.90 -20.75
CA GLU G 79 -12.49 -20.22 -21.41
C GLU G 79 -11.49 -19.63 -20.43
N ASP G 80 -11.80 -19.61 -19.13
CA ASP G 80 -10.91 -19.01 -18.15
C ASP G 80 -9.73 -19.91 -17.86
N ALA G 81 -8.52 -19.35 -17.96
CA ALA G 81 -7.31 -20.09 -17.64
C ALA G 81 -7.04 -20.04 -16.14
N LEU G 82 -6.35 -21.06 -15.64
CA LEU G 82 -6.04 -21.14 -14.23
C LEU G 82 -4.77 -21.97 -14.04
N PHE G 83 -3.86 -21.46 -13.21
CA PHE G 83 -2.62 -22.14 -12.88
C PHE G 83 -2.39 -22.11 -11.39
N PHE G 84 -1.74 -23.14 -10.87
CA PHE G 84 -1.43 -23.21 -9.46
CA PHE G 84 -1.41 -23.30 -9.46
C PHE G 84 0.08 -23.11 -9.25
N PHE G 85 0.46 -22.61 -8.08
CA PHE G 85 1.86 -22.37 -7.76
C PHE G 85 2.15 -22.81 -6.34
N VAL G 86 3.24 -23.54 -6.17
CA VAL G 86 3.78 -23.92 -4.86
C VAL G 86 5.26 -23.59 -4.86
N ASN G 87 5.67 -22.66 -3.99
CA ASN G 87 7.04 -22.15 -3.98
C ASN G 87 7.44 -21.61 -5.36
N ASN G 88 6.54 -20.81 -5.93
CA ASN G 88 6.73 -20.17 -7.24
C ASN G 88 6.92 -21.18 -8.36
N THR G 89 6.43 -22.41 -8.19
CA THR G 89 6.58 -23.46 -9.19
C THR G 89 5.25 -24.17 -9.39
N ILE G 90 4.88 -24.38 -10.65
CA ILE G 90 3.66 -25.10 -10.99
C ILE G 90 3.86 -26.57 -10.65
N PRO G 91 3.05 -27.15 -9.76
CA PRO G 91 3.28 -28.53 -9.31
C PRO G 91 2.92 -29.53 -10.40
N PRO G 92 3.46 -30.75 -10.33
CA PRO G 92 3.16 -31.76 -11.35
C PRO G 92 1.73 -32.26 -11.23
N THR G 93 1.11 -32.54 -12.38
CA THR G 93 -0.30 -32.94 -12.41
C THR G 93 -0.50 -34.33 -11.82
N SER G 94 0.38 -35.27 -12.17
CA SER G 94 0.21 -36.66 -11.74
CA SER G 94 0.22 -36.66 -11.74
C SER G 94 0.60 -36.89 -10.28
N ALA G 95 1.26 -35.93 -9.64
CA ALA G 95 1.65 -36.10 -8.25
C ALA G 95 0.41 -36.08 -7.36
N THR G 96 0.51 -36.78 -6.23
CA THR G 96 -0.54 -36.76 -5.23
C THR G 96 -0.34 -35.58 -4.29
N MET G 97 -1.44 -35.12 -3.69
CA MET G 97 -1.35 -34.00 -2.75
C MET G 97 -0.52 -34.37 -1.53
N GLY G 98 -0.52 -35.64 -1.14
CA GLY G 98 0.33 -36.07 -0.05
C GLY G 98 1.81 -36.01 -0.41
N GLN G 99 2.15 -36.37 -1.65
CA GLN G 99 3.53 -36.25 -2.10
C GLN G 99 3.93 -34.79 -2.25
N LEU G 100 3.04 -33.96 -2.78
CA LEU G 100 3.31 -32.53 -2.89
C LEU G 100 3.48 -31.92 -1.50
N TYR G 101 2.68 -32.36 -0.53
CA TYR G 101 2.84 -31.92 0.85
C TYR G 101 4.18 -32.39 1.42
N GLU G 102 4.54 -33.65 1.15
CA GLU G 102 5.79 -34.19 1.67
C GLU G 102 7.00 -33.40 1.16
N ASP G 103 6.93 -32.90 -0.07
CA ASP G 103 8.07 -32.22 -0.67
C ASP G 103 8.08 -30.71 -0.47
N ASN G 104 6.95 -30.11 -0.06
CA ASN G 104 6.82 -28.67 -0.06
C ASN G 104 6.18 -28.07 1.17
N HIS G 105 5.77 -28.86 2.15
CA HIS G 105 5.15 -28.30 3.35
C HIS G 105 6.18 -27.48 4.12
N GLU G 106 5.71 -26.39 4.72
CA GLU G 106 6.57 -25.51 5.48
C GLU G 106 6.69 -26.00 6.92
N GLU G 107 7.46 -25.27 7.73
CA GLU G 107 7.73 -25.68 9.10
C GLU G 107 6.48 -25.68 9.97
N ASP G 108 5.41 -25.03 9.55
CA ASP G 108 4.14 -25.08 10.26
C ASP G 108 3.28 -26.26 9.83
N TYR G 109 3.84 -27.18 9.04
CA TYR G 109 3.15 -28.38 8.55
C TYR G 109 1.92 -28.04 7.72
N PHE G 110 1.94 -26.89 7.06
CA PHE G 110 0.91 -26.50 6.10
C PHE G 110 1.51 -26.46 4.70
N LEU G 111 0.68 -26.81 3.72
CA LEU G 111 1.03 -26.67 2.32
C LEU G 111 0.36 -25.41 1.76
N TYR G 112 1.14 -24.57 1.10
CA TYR G 112 0.65 -23.28 0.60
C TYR G 112 0.59 -23.32 -0.91
N VAL G 113 -0.61 -23.12 -1.46
CA VAL G 113 -0.86 -23.13 -2.89
C VAL G 113 -1.51 -21.80 -3.27
N ALA G 114 -0.98 -21.18 -4.32
CA ALA G 114 -1.56 -19.97 -4.88
C ALA G 114 -2.03 -20.23 -6.30
N TYR G 115 -3.04 -19.49 -6.73
CA TYR G 115 -3.60 -19.66 -8.06
C TYR G 115 -3.69 -18.32 -8.78
N SER G 116 -3.67 -18.38 -10.11
CA SER G 116 -3.72 -17.17 -10.93
C SER G 116 -4.13 -17.57 -12.34
N ASP G 117 -4.58 -16.57 -13.10
CA ASP G 117 -4.86 -16.79 -14.52
C ASP G 117 -3.60 -16.77 -15.37
N GLU G 118 -2.50 -16.23 -14.84
CA GLU G 118 -1.24 -16.20 -15.54
C GLU G 118 -0.37 -17.40 -15.13
N SER G 119 0.54 -17.77 -16.02
CA SER G 119 1.44 -18.90 -15.79
C SER G 119 2.62 -18.55 -14.89
N VAL G 120 2.72 -17.30 -14.43
CA VAL G 120 3.76 -16.87 -13.49
C VAL G 120 3.08 -16.19 -12.32
N TYR G 121 3.55 -16.48 -11.10
CA TYR G 121 2.90 -15.98 -9.90
C TYR G 121 2.88 -14.46 -9.85
N GLY G 122 3.90 -13.80 -10.41
CA GLY G 122 3.98 -12.35 -10.37
C GLY G 122 3.24 -11.61 -11.47
N LYS G 123 2.82 -12.30 -12.52
CA LYS G 123 2.15 -11.65 -13.63
C LYS G 123 0.65 -11.51 -13.41
N SER H 3 -12.01 -19.97 9.86
CA SER H 3 -11.08 -20.58 10.81
C SER H 3 -11.37 -22.06 10.98
N PHE H 5 -11.59 -25.85 8.93
CA PHE H 5 -11.24 -26.63 7.75
C PHE H 5 -12.49 -27.03 6.97
N ASN H 7 -13.55 -29.82 4.08
CA ASN H 7 -13.05 -31.07 3.52
C ASN H 7 -13.27 -31.15 2.01
N ILE H 8 -12.17 -31.31 1.27
CA ILE H 8 -12.21 -31.45 -0.18
C ILE H 8 -12.42 -32.92 -0.52
N SER H 9 -13.38 -33.19 -1.42
CA SER H 9 -13.65 -34.54 -1.85
C SER H 9 -14.02 -34.52 -3.33
N LEU H 10 -13.89 -35.68 -3.97
CA LEU H 10 -14.19 -35.77 -5.39
C LEU H 10 -15.69 -35.62 -5.65
N ALA H 11 -16.52 -36.15 -4.77
CA ALA H 11 -17.97 -36.09 -4.93
C ALA H 11 -18.61 -35.29 -3.81
N MET I 7 20.80 22.61 -17.93
CA MET I 7 21.36 21.55 -18.78
C MET I 7 20.39 21.16 -19.89
N LYS I 8 20.50 21.86 -21.02
CA LYS I 8 19.66 21.59 -22.19
C LYS I 8 20.55 21.06 -23.31
N PHE I 9 20.45 19.75 -23.56
CA PHE I 9 21.22 19.11 -24.61
C PHE I 9 20.41 19.08 -25.90
N GLN I 10 21.08 19.36 -27.02
CA GLN I 10 20.39 19.44 -28.31
C GLN I 10 19.87 18.08 -28.75
N TYR I 11 20.60 17.00 -28.46
CA TYR I 11 20.12 15.66 -28.81
C TYR I 11 18.82 15.35 -28.09
N LYS I 12 18.70 15.74 -26.83
CA LYS I 12 17.48 15.49 -26.08
C LYS I 12 16.33 16.35 -26.59
N GLU I 13 16.63 17.59 -27.02
CA GLU I 13 15.60 18.49 -27.52
C GLU I 13 15.16 18.12 -28.92
N ASP I 14 16.03 17.51 -29.72
CA ASP I 14 15.74 17.21 -31.12
C ASP I 14 14.93 15.93 -31.31
N HIS I 15 14.83 15.07 -30.29
CA HIS I 15 14.17 13.79 -30.48
C HIS I 15 13.20 13.51 -29.34
N PRO I 16 12.07 12.88 -29.64
CA PRO I 16 11.14 12.48 -28.57
C PRO I 16 11.75 11.40 -27.69
N PHE I 17 11.12 11.20 -26.52
CA PHE I 17 11.66 10.26 -25.55
C PHE I 17 11.69 8.84 -26.10
N GLU I 18 10.60 8.41 -26.74
CA GLU I 18 10.55 7.04 -27.27
C GLU I 18 11.58 6.83 -28.37
N TYR I 19 11.96 7.90 -29.08
CA TYR I 19 13.01 7.79 -30.08
C TYR I 19 14.36 7.56 -29.42
N ARG I 20 14.66 8.32 -28.36
CA ARG I 20 15.96 8.21 -27.71
C ARG I 20 16.10 6.89 -26.96
N LYS I 21 15.01 6.42 -26.34
CA LYS I 21 15.08 5.18 -25.57
C LYS I 21 15.28 3.98 -26.49
N LYS I 22 14.65 3.98 -27.65
CA LYS I 22 14.88 2.89 -28.61
C LYS I 22 16.32 2.88 -29.09
N GLU I 23 16.90 4.06 -29.28
CA GLU I 23 18.29 4.14 -29.74
C GLU I 23 19.26 3.68 -28.65
N GLY I 24 18.98 4.06 -27.40
CA GLY I 24 19.86 3.67 -26.31
C GLY I 24 19.75 2.20 -25.96
N GLU I 25 18.53 1.66 -25.99
CA GLU I 25 18.33 0.24 -25.69
C GLU I 25 18.98 -0.64 -26.74
N LYS I 26 18.83 -0.28 -28.03
CA LYS I 26 19.38 -1.11 -29.09
C LYS I 26 20.90 -1.10 -29.09
N ILE I 27 21.50 0.07 -28.82
CA ILE I 27 22.96 0.15 -28.85
C ILE I 27 23.57 -0.50 -27.62
N ARG I 28 22.83 -0.54 -26.50
CA ARG I 28 23.32 -1.22 -25.32
C ARG I 28 23.21 -2.74 -25.45
N LYS I 29 22.25 -3.22 -26.23
CA LYS I 29 22.14 -4.65 -26.47
C LYS I 29 23.14 -5.13 -27.52
N LYS I 30 23.44 -4.28 -28.50
CA LYS I 30 24.43 -4.64 -29.53
C LYS I 30 25.85 -4.60 -28.98
N TYR I 31 26.15 -3.62 -28.12
CA TYR I 31 27.48 -3.46 -27.53
C TYR I 31 27.33 -3.37 -26.02
N PRO I 32 27.27 -4.51 -25.33
CA PRO I 32 27.14 -4.48 -23.86
C PRO I 32 28.39 -3.97 -23.15
N ASP I 33 29.54 -3.93 -23.82
CA ASP I 33 30.77 -3.40 -23.26
C ASP I 33 31.03 -1.96 -23.69
N ARG I 34 30.03 -1.28 -24.23
CA ARG I 34 30.13 0.12 -24.60
C ARG I 34 28.89 0.86 -24.08
N VAL I 35 29.03 2.18 -23.93
CA VAL I 35 27.94 2.99 -23.42
C VAL I 35 27.69 4.17 -24.36
N PRO I 36 26.43 4.50 -24.65
CA PRO I 36 26.14 5.69 -25.47
C PRO I 36 26.19 6.95 -24.62
N VAL I 37 26.95 7.94 -25.09
CA VAL I 37 27.19 9.17 -24.35
C VAL I 37 26.91 10.36 -25.26
N ILE I 38 26.14 11.32 -24.75
CA ILE I 38 25.91 12.59 -25.43
C ILE I 38 26.85 13.62 -24.82
N VAL I 39 27.70 14.23 -25.64
CA VAL I 39 28.66 15.22 -25.20
C VAL I 39 28.39 16.52 -25.94
N GLU I 40 28.10 17.58 -25.20
CA GLU I 40 27.80 18.89 -25.78
C GLU I 40 28.45 19.97 -24.93
N LYS I 41 28.84 21.06 -25.60
CA LYS I 41 29.46 22.19 -24.92
C LYS I 41 28.42 23.00 -24.16
N ALA I 42 28.79 23.48 -22.98
CA ALA I 42 27.96 24.42 -22.27
C ALA I 42 27.78 25.69 -23.10
N PRO I 43 26.59 26.27 -23.13
CA PRO I 43 26.34 27.39 -24.07
C PRO I 43 27.21 28.61 -23.83
N LYS I 44 27.67 28.83 -22.60
CA LYS I 44 28.50 29.99 -22.28
C LYS I 44 29.99 29.69 -22.34
N ALA I 45 30.38 28.46 -22.66
CA ALA I 45 31.79 28.12 -22.71
C ALA I 45 32.45 28.72 -23.94
N ARG I 46 33.70 29.17 -23.77
CA ARG I 46 34.49 29.72 -24.87
C ARG I 46 35.50 28.70 -25.37
N VAL I 47 35.00 27.52 -25.70
CA VAL I 47 35.79 26.46 -26.33
C VAL I 47 35.06 26.04 -27.60
N PRO I 48 35.76 25.37 -28.52
CA PRO I 48 35.09 24.94 -29.76
C PRO I 48 34.01 23.91 -29.50
N ASP I 49 32.96 23.96 -30.33
CA ASP I 49 31.94 22.93 -30.30
C ASP I 49 32.47 21.64 -30.92
N LEU I 50 32.01 20.52 -30.38
CA LEU I 50 32.34 19.23 -30.97
C LEU I 50 31.67 19.08 -32.33
N ASP I 51 32.34 18.34 -33.22
CA ASP I 51 31.77 18.09 -34.55
C ASP I 51 30.55 17.19 -34.47
N LYS I 52 30.53 16.27 -33.51
CA LYS I 52 29.41 15.37 -33.31
C LYS I 52 29.05 15.35 -31.83
N ARG I 53 27.83 14.90 -31.54
CA ARG I 53 27.30 14.89 -30.18
C ARG I 53 27.05 13.50 -29.62
N LYS I 54 26.89 12.48 -30.46
CA LYS I 54 26.52 11.14 -30.03
C LYS I 54 27.75 10.24 -30.16
N TYR I 55 28.22 9.72 -29.03
CA TYR I 55 29.45 8.93 -28.98
C TYR I 55 29.17 7.57 -28.37
N LEU I 56 29.92 6.57 -28.85
CA LEU I 56 29.90 5.22 -28.30
C LEU I 56 31.23 4.99 -27.59
N VAL I 57 31.20 4.90 -26.26
CA VAL I 57 32.41 4.89 -25.46
C VAL I 57 32.59 3.52 -24.80
N PRO I 58 33.81 2.96 -24.82
CA PRO I 58 34.03 1.70 -24.09
C PRO I 58 33.75 1.86 -22.61
N SER I 59 33.13 0.84 -22.04
CA SER I 59 32.73 0.92 -20.63
CA SER I 59 32.73 0.92 -20.63
C SER I 59 33.94 0.98 -19.70
N ASP I 60 35.06 0.39 -20.11
CA ASP I 60 36.25 0.37 -19.26
C ASP I 60 37.18 1.55 -19.50
N LEU I 61 36.83 2.46 -20.40
CA LEU I 61 37.59 3.69 -20.55
C LEU I 61 37.43 4.55 -19.31
N THR I 62 38.54 5.02 -18.75
CA THR I 62 38.46 5.85 -17.56
C THR I 62 37.97 7.25 -17.92
N VAL I 63 37.44 7.94 -16.92
CA VAL I 63 36.96 9.31 -17.12
C VAL I 63 38.11 10.22 -17.54
N GLY I 64 39.29 10.01 -16.97
CA GLY I 64 40.45 10.81 -17.35
C GLY I 64 40.87 10.58 -18.79
N GLN I 65 40.79 9.33 -19.26
CA GLN I 65 41.07 9.06 -20.66
C GLN I 65 40.01 9.67 -21.57
N PHE I 66 38.75 9.67 -21.12
CA PHE I 66 37.69 10.31 -21.89
C PHE I 66 37.91 11.81 -21.98
N TYR I 67 38.46 12.42 -20.93
CA TYR I 67 38.82 13.84 -20.97
C TYR I 67 39.80 14.12 -22.10
N PHE I 68 40.88 13.34 -22.16
CA PHE I 68 41.96 13.62 -23.10
C PHE I 68 41.52 13.41 -24.55
N LEU I 69 40.66 12.42 -24.78
CA LEU I 69 40.22 12.15 -26.15
C LEU I 69 39.27 13.22 -26.65
N ILE I 70 38.40 13.73 -25.77
CA ILE I 70 37.54 14.84 -26.15
C ILE I 70 38.36 16.12 -26.31
N ARG I 71 39.35 16.32 -25.43
CA ARG I 71 40.21 17.50 -25.53
CA ARG I 71 40.21 17.50 -25.53
C ARG I 71 40.94 17.54 -26.86
N LYS I 72 41.45 16.38 -27.32
CA LYS I 72 42.15 16.34 -28.60
C LYS I 72 41.19 16.56 -29.77
N ARG I 73 39.95 16.10 -29.65
CA ARG I 73 39.00 16.22 -30.77
C ARG I 73 38.64 17.67 -31.04
N ILE I 74 38.56 18.51 -30.01
CA ILE I 74 38.29 19.93 -30.21
C ILE I 74 39.56 20.74 -30.41
N HIS I 75 40.73 20.10 -30.33
CA HIS I 75 42.02 20.74 -30.60
C HIS I 75 42.24 21.94 -29.68
N LEU I 76 42.29 21.66 -28.38
CA LEU I 76 42.52 22.71 -27.39
C LEU I 76 44.00 22.99 -27.25
N ARG I 77 44.33 24.28 -27.08
CA ARG I 77 45.72 24.66 -26.83
C ARG I 77 46.18 24.11 -25.49
N PRO I 78 47.49 23.95 -25.31
CA PRO I 78 47.98 23.38 -24.04
C PRO I 78 47.58 24.17 -22.80
N GLU I 79 47.34 25.47 -22.94
CA GLU I 79 47.00 26.32 -21.80
C GLU I 79 45.49 26.47 -21.60
N ASP I 80 44.67 25.86 -22.44
CA ASP I 80 43.22 25.98 -22.31
C ASP I 80 42.70 25.07 -21.22
N ALA I 81 41.81 25.59 -20.38
CA ALA I 81 41.18 24.81 -19.34
C ALA I 81 39.93 24.12 -19.87
N LEU I 82 39.63 22.95 -19.30
CA LEU I 82 38.49 22.16 -19.75
C LEU I 82 37.95 21.35 -18.58
N PHE I 83 36.66 21.50 -18.30
CA PHE I 83 36.00 20.78 -17.24
C PHE I 83 34.74 20.11 -17.77
N PHE I 84 34.43 18.93 -17.24
CA PHE I 84 33.31 18.14 -17.68
C PHE I 84 32.31 17.99 -16.54
N PHE I 85 31.03 17.92 -16.88
CA PHE I 85 29.95 17.91 -15.90
C PHE I 85 28.93 16.85 -16.25
N VAL I 86 28.56 16.06 -15.24
CA VAL I 86 27.46 15.10 -15.34
C VAL I 86 26.49 15.41 -14.21
N ASN I 87 25.29 15.85 -14.58
CA ASN I 87 24.29 16.32 -13.61
C ASN I 87 24.85 17.44 -12.76
N ASN I 88 25.49 18.41 -13.43
CA ASN I 88 26.08 19.59 -12.79
C ASN I 88 27.15 19.22 -11.77
N THR I 89 27.81 18.08 -11.97
CA THR I 89 28.85 17.62 -11.06
C THR I 89 30.02 17.09 -11.87
N ILE I 90 31.23 17.50 -11.49
CA ILE I 90 32.45 17.01 -12.15
C ILE I 90 32.66 15.56 -11.73
N PRO I 91 32.74 14.63 -12.67
CA PRO I 91 32.86 13.21 -12.31
C PRO I 91 34.25 12.87 -11.80
N PRO I 92 34.39 11.77 -11.07
CA PRO I 92 35.72 11.38 -10.58
C PRO I 92 36.61 10.93 -11.73
N THR I 93 37.91 11.26 -11.60
CA THR I 93 38.85 10.96 -12.68
C THR I 93 39.11 9.47 -12.80
N SER I 94 39.22 8.76 -11.66
CA SER I 94 39.55 7.34 -11.67
CA SER I 94 39.55 7.34 -11.67
C SER I 94 38.37 6.45 -12.02
N ALA I 95 37.16 6.99 -12.08
CA ALA I 95 36.01 6.17 -12.42
C ALA I 95 36.04 5.79 -13.89
N THR I 96 35.32 4.71 -14.22
CA THR I 96 35.19 4.30 -15.60
C THR I 96 33.92 4.89 -16.21
N MET I 97 33.92 5.02 -17.54
CA MET I 97 32.75 5.55 -18.22
C MET I 97 31.56 4.62 -18.08
N GLY I 98 31.80 3.31 -17.95
CA GLY I 98 30.71 2.39 -17.70
C GLY I 98 30.09 2.58 -16.33
N GLN I 99 30.93 2.76 -15.31
CA GLN I 99 30.42 3.02 -13.96
C GLN I 99 29.71 4.37 -13.90
N LEU I 100 30.26 5.37 -14.59
CA LEU I 100 29.59 6.67 -14.64
C LEU I 100 28.25 6.56 -15.35
N TYR I 101 28.18 5.73 -16.39
CA TYR I 101 26.91 5.48 -17.07
C TYR I 101 25.92 4.77 -16.15
N GLU I 102 26.40 3.78 -15.39
CA GLU I 102 25.50 3.03 -14.53
C GLU I 102 24.87 3.90 -13.45
N ASP I 103 25.58 4.94 -12.99
CA ASP I 103 25.11 5.77 -11.90
C ASP I 103 24.41 7.04 -12.35
N ASN I 104 24.45 7.37 -13.64
CA ASN I 104 23.96 8.67 -14.09
C ASN I 104 23.17 8.65 -15.39
N HIS I 105 22.98 7.50 -16.03
CA HIS I 105 22.24 7.47 -17.29
C HIS I 105 20.78 7.84 -17.05
N GLU I 106 20.20 8.58 -17.99
CA GLU I 106 18.81 9.00 -17.89
C GLU I 106 17.89 7.86 -18.30
N GLU I 107 16.59 8.13 -18.28
CA GLU I 107 15.59 7.11 -18.61
C GLU I 107 15.67 6.67 -20.06
N ASP I 108 16.27 7.48 -20.94
CA ASP I 108 16.47 7.10 -22.33
C ASP I 108 17.73 6.28 -22.55
N TYR I 109 18.38 5.84 -21.48
CA TYR I 109 19.59 5.00 -21.54
C TYR I 109 20.74 5.72 -22.23
N PHE I 110 20.79 7.04 -22.10
CA PHE I 110 21.91 7.85 -22.57
C PHE I 110 22.59 8.53 -21.40
N LEU I 111 23.91 8.63 -21.45
CA LEU I 111 24.69 9.43 -20.51
C LEU I 111 24.93 10.79 -21.13
N TYR I 112 24.63 11.84 -20.37
CA TYR I 112 24.75 13.22 -20.85
C TYR I 112 25.92 13.89 -20.14
N VAL I 113 26.90 14.34 -20.93
CA VAL I 113 28.10 14.99 -20.42
C VAL I 113 28.22 16.36 -21.06
N ALA I 114 28.36 17.39 -20.24
CA ALA I 114 28.61 18.74 -20.70
C ALA I 114 30.05 19.15 -20.36
N TYR I 115 30.61 20.03 -21.16
CA TYR I 115 31.98 20.50 -20.93
C TYR I 115 32.05 22.01 -21.10
N SER I 116 33.01 22.61 -20.42
CA SER I 116 33.18 24.06 -20.45
C SER I 116 34.58 24.40 -19.99
N ASP I 117 34.98 25.64 -20.25
CA ASP I 117 36.26 26.13 -19.74
C ASP I 117 36.17 26.63 -18.31
N GLU I 118 34.95 26.83 -17.78
CA GLU I 118 34.75 27.20 -16.39
C GLU I 118 34.49 25.96 -15.55
N SER I 119 34.92 26.03 -14.29
CA SER I 119 34.75 24.91 -13.36
C SER I 119 33.33 24.82 -12.82
N VAL I 120 32.44 25.72 -13.21
CA VAL I 120 31.04 25.70 -12.77
C VAL I 120 30.15 25.77 -14.00
N TYR I 121 29.10 24.95 -14.02
CA TYR I 121 28.17 24.94 -15.13
C TYR I 121 27.25 26.14 -15.08
N SER J 3 23.15 11.05 -37.93
CA SER J 3 23.15 10.87 -36.48
C SER J 3 23.46 9.42 -36.10
N PHE J 5 26.36 6.80 -34.39
CA PHE J 5 27.42 6.87 -33.38
C PHE J 5 28.82 6.93 -33.99
N ASN J 7 32.75 6.19 -32.77
CA ASN J 7 33.41 5.47 -31.70
C ASN J 7 34.60 6.23 -31.14
N ILE J 8 34.71 6.25 -29.81
CA ILE J 8 35.85 6.82 -29.11
C ILE J 8 36.77 5.68 -28.70
N SER J 9 38.06 5.81 -29.01
CA SER J 9 39.03 4.78 -28.67
C SER J 9 40.36 5.44 -28.36
N LEU J 10 41.22 4.69 -27.65
CA LEU J 10 42.52 5.23 -27.26
C LEU J 10 43.42 5.43 -28.46
N ALA J 11 43.28 4.62 -29.49
CA ALA J 11 44.10 4.75 -30.69
C ALA J 11 43.28 5.33 -31.84
N MET K 7 -21.95 -18.01 10.57
CA MET K 7 -23.15 -17.99 9.73
C MET K 7 -22.90 -18.63 8.37
N LYS K 8 -23.91 -19.37 7.89
CA LYS K 8 -23.85 -20.05 6.61
C LYS K 8 -25.14 -19.80 5.85
N PHE K 9 -25.02 -19.40 4.59
CA PHE K 9 -26.16 -19.19 3.71
C PHE K 9 -25.98 -20.02 2.45
N GLN K 10 -26.99 -20.82 2.13
CA GLN K 10 -26.92 -21.66 0.93
C GLN K 10 -26.95 -20.84 -0.36
N TYR K 11 -27.37 -19.57 -0.28
CA TYR K 11 -27.40 -18.75 -1.48
C TYR K 11 -25.99 -18.40 -1.95
N LYS K 12 -25.04 -18.24 -1.01
CA LYS K 12 -23.67 -17.96 -1.40
C LYS K 12 -23.01 -19.17 -2.04
N GLU K 13 -23.46 -20.38 -1.69
CA GLU K 13 -22.88 -21.59 -2.28
C GLU K 13 -23.37 -21.82 -3.70
N ASP K 14 -24.62 -21.43 -4.00
CA ASP K 14 -25.16 -21.69 -5.34
C ASP K 14 -24.69 -20.64 -6.34
N HIS K 15 -24.55 -19.40 -5.92
CA HIS K 15 -24.17 -18.32 -6.82
C HIS K 15 -22.80 -17.76 -6.43
N PRO K 16 -21.91 -17.54 -7.40
CA PRO K 16 -20.60 -16.97 -7.07
C PRO K 16 -20.72 -15.50 -6.68
N PHE K 17 -19.65 -15.00 -6.06
CA PHE K 17 -19.66 -13.64 -5.54
C PHE K 17 -19.78 -12.60 -6.66
N GLU K 18 -19.05 -12.81 -7.77
CA GLU K 18 -19.12 -11.85 -8.87
C GLU K 18 -20.52 -11.77 -9.46
N TYR K 19 -21.26 -12.88 -9.44
CA TYR K 19 -22.64 -12.85 -9.93
C TYR K 19 -23.55 -12.12 -8.94
N ARG K 20 -23.29 -12.28 -7.63
CA ARG K 20 -24.11 -11.61 -6.63
C ARG K 20 -23.87 -10.11 -6.61
N LYS K 21 -22.64 -9.67 -6.88
CA LYS K 21 -22.35 -8.24 -6.85
C LYS K 21 -22.99 -7.51 -8.03
N LYS K 22 -23.06 -8.17 -9.19
CA LYS K 22 -23.69 -7.55 -10.36
C LYS K 22 -25.18 -7.35 -10.13
N GLU K 23 -25.87 -8.40 -9.68
CA GLU K 23 -27.31 -8.28 -9.43
C GLU K 23 -27.61 -7.36 -8.25
N GLY K 24 -26.70 -7.27 -7.30
CA GLY K 24 -26.91 -6.38 -6.17
C GLY K 24 -26.79 -4.92 -6.56
N GLU K 25 -25.74 -4.57 -7.29
CA GLU K 25 -25.59 -3.20 -7.76
C GLU K 25 -26.67 -2.83 -8.76
N LYS K 26 -27.12 -3.80 -9.56
CA LYS K 26 -28.11 -3.51 -10.60
C LYS K 26 -29.49 -3.25 -10.00
N ILE K 27 -29.90 -4.08 -9.04
CA ILE K 27 -31.21 -3.89 -8.43
C ILE K 27 -31.23 -2.68 -7.51
N ARG K 28 -30.07 -2.27 -6.98
CA ARG K 28 -30.01 -1.05 -6.17
C ARG K 28 -30.06 0.20 -7.04
N LYS K 29 -29.49 0.16 -8.24
CA LYS K 29 -29.58 1.31 -9.13
C LYS K 29 -30.96 1.42 -9.75
N LYS K 30 -31.66 0.29 -9.94
CA LYS K 30 -33.00 0.33 -10.53
C LYS K 30 -34.05 0.77 -9.52
N TYR K 31 -33.92 0.32 -8.27
CA TYR K 31 -34.84 0.67 -7.19
C TYR K 31 -34.05 1.21 -6.02
N PRO K 32 -33.68 2.49 -6.05
CA PRO K 32 -32.89 3.06 -4.95
C PRO K 32 -33.66 3.15 -3.64
N ASP K 33 -34.99 3.04 -3.66
CA ASP K 33 -35.79 3.05 -2.45
C ASP K 33 -36.15 1.64 -1.99
N ARG K 34 -35.47 0.62 -2.52
CA ARG K 34 -35.66 -0.76 -2.11
C ARG K 34 -34.30 -1.40 -1.85
N VAL K 35 -34.30 -2.46 -1.06
CA VAL K 35 -33.05 -3.16 -0.72
C VAL K 35 -33.19 -4.65 -0.99
N PRO K 36 -32.19 -5.30 -1.58
CA PRO K 36 -32.26 -6.76 -1.79
C PRO K 36 -31.84 -7.51 -0.53
N VAL K 37 -32.66 -8.47 -0.11
CA VAL K 37 -32.46 -9.20 1.13
C VAL K 37 -32.52 -10.70 0.85
N ILE K 38 -31.54 -11.44 1.36
CA ILE K 38 -31.55 -12.90 1.33
C ILE K 38 -32.05 -13.40 2.68
N VAL K 39 -33.08 -14.24 2.66
CA VAL K 39 -33.70 -14.77 3.87
C VAL K 39 -33.64 -16.29 3.82
N GLU K 40 -33.00 -16.89 4.81
CA GLU K 40 -32.89 -18.34 4.91
C GLU K 40 -33.11 -18.77 6.35
N LYS K 41 -33.45 -20.04 6.52
CA LYS K 41 -33.65 -20.60 7.85
C LYS K 41 -32.32 -20.92 8.50
N ALA K 42 -32.18 -20.53 9.76
CA ALA K 42 -30.96 -20.79 10.51
C ALA K 42 -30.79 -22.29 10.74
N PRO K 43 -29.54 -22.74 10.90
CA PRO K 43 -29.32 -24.15 11.25
C PRO K 43 -29.99 -24.51 12.58
N LYS K 44 -30.44 -25.77 12.67
CA LYS K 44 -31.21 -26.38 13.76
C LYS K 44 -32.51 -25.66 14.09
N ALA K 45 -32.94 -24.68 13.29
CA ALA K 45 -34.21 -24.03 13.56
C ALA K 45 -35.37 -24.96 13.26
N ARG K 46 -36.37 -24.97 14.15
CA ARG K 46 -37.55 -25.81 13.99
C ARG K 46 -38.74 -24.94 13.57
N VAL K 47 -38.63 -24.41 12.36
CA VAL K 47 -39.68 -23.57 11.77
C VAL K 47 -39.85 -23.95 10.31
N PRO K 48 -41.04 -23.73 9.77
CA PRO K 48 -41.29 -24.08 8.37
C PRO K 48 -40.37 -23.34 7.42
N ASP K 49 -40.16 -23.94 6.25
CA ASP K 49 -39.30 -23.36 5.23
C ASP K 49 -40.09 -22.43 4.32
N LEU K 50 -39.37 -21.52 3.68
CA LEU K 50 -39.90 -20.68 2.61
C LEU K 50 -39.52 -21.27 1.27
N ASP K 51 -40.31 -20.94 0.25
CA ASP K 51 -40.01 -21.36 -1.12
C ASP K 51 -39.38 -20.24 -1.93
N LYS K 52 -38.99 -19.15 -1.29
CA LYS K 52 -38.28 -18.04 -1.92
C LYS K 52 -37.15 -17.61 -1.01
N ARG K 53 -36.02 -17.22 -1.61
CA ARG K 53 -34.87 -16.76 -0.85
C ARG K 53 -34.48 -15.31 -1.12
N LYS K 54 -34.73 -14.80 -2.32
CA LYS K 54 -34.38 -13.42 -2.67
C LYS K 54 -35.60 -12.53 -2.52
N TYR K 55 -35.45 -11.46 -1.73
CA TYR K 55 -36.54 -10.55 -1.44
C TYR K 55 -36.11 -9.12 -1.75
N LEU K 56 -37.02 -8.36 -2.34
CA LEU K 56 -36.83 -6.93 -2.60
C LEU K 56 -37.73 -6.18 -1.63
N VAL K 57 -37.12 -5.46 -0.70
CA VAL K 57 -37.85 -4.88 0.43
C VAL K 57 -37.81 -3.36 0.36
N PRO K 58 -38.94 -2.68 0.61
CA PRO K 58 -38.91 -1.21 0.65
C PRO K 58 -37.96 -0.72 1.74
N SER K 59 -37.21 0.32 1.41
CA SER K 59 -36.22 0.86 2.36
CA SER K 59 -36.23 0.85 2.36
C SER K 59 -36.89 1.41 3.61
N ASP K 60 -38.07 2.00 3.47
CA ASP K 60 -38.77 2.59 4.61
C ASP K 60 -39.57 1.58 5.41
N LEU K 61 -39.59 0.31 5.01
CA LEU K 61 -40.22 -0.71 5.82
C LEU K 61 -39.42 -0.92 7.09
N THR K 62 -40.10 -0.91 8.24
CA THR K 62 -39.41 -1.11 9.50
C THR K 62 -39.04 -2.59 9.67
N VAL K 63 -38.06 -2.84 10.53
CA VAL K 63 -37.65 -4.22 10.82
C VAL K 63 -38.81 -4.99 11.42
N GLY K 64 -39.57 -4.36 12.31
CA GLY K 64 -40.73 -5.03 12.89
C GLY K 64 -41.78 -5.37 11.85
N GLN K 65 -41.97 -4.50 10.85
CA GLN K 65 -42.90 -4.80 9.78
C GLN K 65 -42.38 -5.93 8.89
N PHE K 66 -41.07 -5.96 8.65
CA PHE K 66 -40.49 -7.08 7.91
C PHE K 66 -40.63 -8.38 8.67
N TYR K 67 -40.62 -8.30 10.01
CA TYR K 67 -40.84 -9.49 10.83
CA TYR K 67 -40.84 -9.49 10.82
C TYR K 67 -42.22 -10.08 10.58
N PHE K 68 -43.25 -9.24 10.63
CA PHE K 68 -44.63 -9.72 10.50
C PHE K 68 -44.89 -10.26 9.11
N LEU K 69 -44.34 -9.62 8.07
CA LEU K 69 -44.57 -10.08 6.71
C LEU K 69 -43.90 -11.43 6.45
N ILE K 70 -42.67 -11.61 6.94
CA ILE K 70 -42.00 -12.90 6.79
C ILE K 70 -42.69 -13.96 7.62
N ARG K 71 -43.15 -13.60 8.83
CA ARG K 71 -43.83 -14.55 9.69
C ARG K 71 -45.09 -15.10 9.02
N LYS K 72 -45.81 -14.26 8.30
CA LYS K 72 -47.00 -14.73 7.59
C LYS K 72 -46.63 -15.60 6.40
N ARG K 73 -45.49 -15.34 5.77
CA ARG K 73 -45.04 -16.21 4.68
C ARG K 73 -44.54 -17.55 5.22
N ILE K 74 -43.97 -17.57 6.42
CA ILE K 74 -43.59 -18.83 7.05
C ILE K 74 -44.82 -19.61 7.48
N HIS K 75 -45.92 -18.90 7.74
CA HIS K 75 -47.16 -19.50 8.24
C HIS K 75 -46.93 -20.15 9.59
N LEU K 76 -46.87 -19.35 10.65
CA LEU K 76 -46.62 -19.82 12.00
C LEU K 76 -47.91 -19.76 12.81
N ARG K 77 -48.02 -20.67 13.77
CA ARG K 77 -49.09 -20.62 14.74
C ARG K 77 -48.88 -19.43 15.68
N PRO K 78 -49.95 -18.94 16.32
CA PRO K 78 -49.78 -17.80 17.24
C PRO K 78 -48.78 -18.05 18.37
N GLU K 79 -48.70 -19.29 18.86
CA GLU K 79 -47.81 -19.59 19.98
C GLU K 79 -46.35 -19.79 19.55
N ASP K 80 -46.08 -19.84 18.25
CA ASP K 80 -44.73 -20.07 17.76
C ASP K 80 -43.87 -18.83 17.92
N ALA K 81 -42.65 -19.02 18.40
CA ALA K 81 -41.67 -17.95 18.53
C ALA K 81 -40.84 -17.84 17.26
N LEU K 82 -40.36 -16.63 16.99
CA LEU K 82 -39.57 -16.38 15.79
C LEU K 82 -38.59 -15.24 16.06
N PHE K 83 -37.34 -15.44 15.66
CA PHE K 83 -36.30 -14.44 15.82
C PHE K 83 -35.52 -14.30 14.52
N PHE K 84 -35.06 -13.08 14.25
CA PHE K 84 -34.25 -12.83 13.08
CA PHE K 84 -34.28 -12.73 13.08
C PHE K 84 -32.83 -12.48 13.48
N PHE K 85 -31.91 -12.74 12.57
CA PHE K 85 -30.48 -12.55 12.85
C PHE K 85 -29.79 -11.94 11.65
N VAL K 86 -29.03 -10.87 11.91
CA VAL K 86 -28.15 -10.24 10.92
C VAL K 86 -26.77 -10.14 11.55
N ASN K 87 -25.80 -10.85 10.97
CA ASN K 87 -24.45 -10.94 11.53
C ASN K 87 -24.49 -11.44 12.97
N ASN K 88 -25.24 -12.54 13.17
CA ASN K 88 -25.40 -13.19 14.47
CA ASN K 88 -25.40 -13.19 14.47
C ASN K 88 -26.00 -12.28 15.52
N THR K 89 -26.64 -11.19 15.12
CA THR K 89 -27.24 -10.24 16.05
C THR K 89 -28.69 -9.97 15.64
N ILE K 90 -29.57 -9.97 16.63
CA ILE K 90 -30.98 -9.64 16.41
C ILE K 90 -31.08 -8.15 16.09
N PRO K 91 -31.63 -7.78 14.94
CA PRO K 91 -31.67 -6.37 14.54
C PRO K 91 -32.68 -5.59 15.37
N PRO K 92 -32.49 -4.27 15.49
CA PRO K 92 -33.43 -3.46 16.28
C PRO K 92 -34.78 -3.38 15.61
N THR K 93 -35.82 -3.26 16.43
CA THR K 93 -37.20 -3.30 15.95
C THR K 93 -37.55 -2.03 15.17
N SER K 94 -37.26 -0.87 15.74
CA SER K 94 -37.65 0.40 15.16
CA SER K 94 -37.67 0.40 15.15
C SER K 94 -36.82 0.82 13.96
N ALA K 95 -35.75 0.08 13.66
CA ALA K 95 -34.92 0.44 12.51
C ALA K 95 -35.64 0.12 11.21
N THR K 96 -35.34 0.91 10.18
CA THR K 96 -35.88 0.62 8.85
C THR K 96 -34.98 -0.38 8.13
N MET K 97 -35.57 -1.08 7.17
CA MET K 97 -34.79 -2.05 6.40
C MET K 97 -33.72 -1.36 5.56
N GLY K 98 -33.95 -0.10 5.18
CA GLY K 98 -32.92 0.64 4.47
C GLY K 98 -31.75 0.99 5.37
N GLN K 99 -32.03 1.33 6.64
CA GLN K 99 -30.95 1.61 7.58
C GLN K 99 -30.22 0.33 7.99
N LEU K 100 -30.97 -0.76 8.17
CA LEU K 100 -30.34 -2.05 8.43
C LEU K 100 -29.50 -2.52 7.27
N TYR K 101 -29.92 -2.20 6.04
CA TYR K 101 -29.14 -2.57 4.86
C TYR K 101 -27.84 -1.77 4.79
N GLU K 102 -27.92 -0.46 5.02
CA GLU K 102 -26.72 0.38 4.92
C GLU K 102 -25.69 0.01 5.96
N ASP K 103 -26.11 -0.52 7.11
CA ASP K 103 -25.19 -0.85 8.19
C ASP K 103 -24.67 -2.28 8.14
N ASN K 104 -25.29 -3.16 7.34
CA ASN K 104 -24.96 -4.58 7.41
C ASN K 104 -24.86 -5.28 6.06
N HIS K 105 -25.07 -4.60 4.94
CA HIS K 105 -24.98 -5.28 3.65
C HIS K 105 -23.55 -5.68 3.37
N GLU K 106 -23.40 -6.86 2.75
CA GLU K 106 -22.07 -7.40 2.47
C GLU K 106 -21.52 -6.78 1.20
N GLU K 107 -20.38 -7.31 0.71
CA GLU K 107 -19.71 -6.74 -0.44
C GLU K 107 -20.49 -6.95 -1.74
N ASP K 108 -21.41 -7.90 -1.76
CA ASP K 108 -22.27 -8.12 -2.93
C ASP K 108 -23.52 -7.25 -2.90
N TYR K 109 -23.58 -6.26 -2.01
CA TYR K 109 -24.71 -5.34 -1.88
C TYR K 109 -26.01 -6.08 -1.57
N PHE K 110 -25.90 -7.21 -0.88
CA PHE K 110 -27.05 -7.96 -0.39
C PHE K 110 -27.08 -7.94 1.14
N LEU K 111 -28.28 -7.91 1.69
CA LEU K 111 -28.49 -8.05 3.12
C LEU K 111 -28.90 -9.49 3.41
N TYR K 112 -28.20 -10.13 4.35
CA TYR K 112 -28.43 -11.54 4.68
C TYR K 112 -29.10 -11.62 6.05
N VAL K 113 -30.29 -12.22 6.08
CA VAL K 113 -31.09 -12.35 7.29
C VAL K 113 -31.43 -13.82 7.49
N ALA K 114 -31.18 -14.35 8.68
CA ALA K 114 -31.55 -15.70 9.04
C ALA K 114 -32.62 -15.65 10.12
N TYR K 115 -33.50 -16.65 10.12
CA TYR K 115 -34.58 -16.73 11.08
C TYR K 115 -34.57 -18.09 11.78
N SER K 116 -35.05 -18.09 13.02
CA SER K 116 -35.08 -19.30 13.84
C SER K 116 -36.10 -19.13 14.94
N ASP K 117 -36.51 -20.27 15.53
CA ASP K 117 -37.38 -20.23 16.68
C ASP K 117 -36.63 -19.95 17.97
N GLU K 118 -35.31 -20.08 17.96
CA GLU K 118 -34.48 -19.79 19.13
C GLU K 118 -33.91 -18.37 19.03
N SER K 119 -33.54 -17.83 20.18
CA SER K 119 -33.02 -16.47 20.28
C SER K 119 -31.53 -16.37 20.02
N VAL K 120 -30.85 -17.48 19.77
CA VAL K 120 -29.43 -17.51 19.45
C VAL K 120 -29.27 -18.25 18.13
N TYR K 121 -28.49 -17.65 17.22
CA TYR K 121 -28.28 -18.27 15.91
C TYR K 121 -27.57 -19.60 16.06
N GLY K 122 -28.11 -20.63 15.42
CA GLY K 122 -27.54 -21.95 15.44
C GLY K 122 -28.04 -22.85 16.55
N LYS K 123 -28.75 -22.31 17.54
CA LYS K 123 -29.27 -23.10 18.65
C LYS K 123 -30.50 -23.89 18.24
N SER L 3 -33.29 -17.12 -10.71
CA SER L 3 -34.03 -16.80 -9.50
C SER L 3 -34.63 -15.40 -9.57
N PHE L 5 -36.74 -12.08 -8.01
CA PHE L 5 -37.04 -11.35 -6.78
C PHE L 5 -38.54 -11.36 -6.51
N ASN L 7 -41.35 -9.29 -4.43
CA ASN L 7 -41.46 -7.97 -3.82
C ASN L 7 -42.27 -8.00 -2.53
N ILE L 8 -41.61 -7.62 -1.44
CA ILE L 8 -42.25 -7.54 -0.13
C ILE L 8 -43.00 -6.22 -0.04
N SER L 9 -44.24 -6.27 0.45
CA SER L 9 -45.03 -5.07 0.64
C SER L 9 -46.02 -5.30 1.76
N LEU L 10 -46.46 -4.19 2.38
CA LEU L 10 -47.42 -4.28 3.48
C LEU L 10 -48.78 -4.81 3.03
N ALA L 11 -49.08 -4.74 1.73
CA ALA L 11 -50.34 -5.25 1.20
C ALA L 11 -50.27 -6.71 0.81
N ASP L 12 -49.18 -7.40 1.12
CA ASP L 12 -49.04 -8.81 0.79
C ASP L 12 -50.08 -9.67 1.50
#